data_7FTA
#
_entry.id   7FTA
#
_cell.length_a   80.181
_cell.length_b   49.712
_cell.length_c   115.736
_cell.angle_alpha   90.000
_cell.angle_beta   94.360
_cell.angle_gamma   90.000
#
_symmetry.space_group_name_H-M   'P 1 21 1'
#
loop_
_entity.id
_entity.type
_entity.pdbx_description
1 polymer Syntenin-1
2 non-polymer 1,2-ETHANEDIOL
3 non-polymer 'D-GLUTAMIC ACID'
4 non-polymer '3-[(pyrimidin-2-yl)amino]benzoic acid'
5 non-polymer GLYCINE
6 non-polymer 'SULFATE ION'
7 water water
#
_entity_poly.entity_id   1
_entity_poly.type   'polypeptide(L)'
_entity_poly.pdbx_seq_one_letter_code
;SMAEIKQGIREVILCKDQDGKIGLRLKSIDNGIFVQLVQANSPASLVGLRFGDQVLQINGENCAGWSSDKAHKVLKQAFG
EKITMTIRDRPFERTITMHKDSTGHVGFIFKNGKITSIVKDSSAARNGLLTEHNICEINGQNVIGLKDSQIADILSTSGT
VVTITIMPAFIFEHIIKRMAPSIMKSLMDHTIPEV
;
_entity_poly.pdbx_strand_id   A,B,C,D
#
# COMPACT_ATOMS: atom_id res chain seq x y z
N ILE A 5 -4.84 -22.25 -17.57
CA ILE A 5 -3.94 -21.08 -17.32
C ILE A 5 -2.80 -21.14 -18.34
N LYS A 6 -2.82 -20.20 -19.31
CA LYS A 6 -1.79 -20.05 -20.34
C LYS A 6 -0.51 -19.46 -19.73
N GLN A 7 0.61 -20.20 -19.82
CA GLN A 7 1.82 -19.81 -19.10
C GLN A 7 2.64 -18.89 -20.00
N GLY A 8 2.56 -17.58 -19.69
CA GLY A 8 3.27 -16.59 -20.45
C GLY A 8 2.51 -15.27 -20.46
N ILE A 9 3.13 -14.33 -21.18
CA ILE A 9 2.66 -12.97 -21.36
C ILE A 9 2.13 -12.83 -22.79
N ARG A 10 0.92 -12.30 -22.96
CA ARG A 10 0.34 -12.08 -24.29
C ARG A 10 -0.04 -10.62 -24.40
N GLU A 11 -0.35 -10.19 -25.62
CA GLU A 11 -0.66 -8.79 -25.85
C GLU A 11 -2.09 -8.69 -26.39
N VAL A 12 -2.82 -7.68 -25.93
CA VAL A 12 -4.18 -7.44 -26.37
C VAL A 12 -4.33 -5.96 -26.76
N ILE A 13 -5.15 -5.75 -27.78
CA ILE A 13 -5.42 -4.44 -28.31
C ILE A 13 -6.89 -4.17 -28.05
N LEU A 14 -7.19 -3.06 -27.39
CA LEU A 14 -8.55 -2.78 -26.94
C LEU A 14 -9.02 -1.59 -27.71
N CYS A 15 -10.33 -1.34 -27.62
CA CYS A 15 -10.94 -0.19 -28.25
C CYS A 15 -12.15 0.21 -27.43
N LYS A 16 -12.18 1.47 -26.94
CA LYS A 16 -13.30 1.97 -26.16
C LYS A 16 -14.59 1.85 -26.94
N ASP A 17 -15.71 1.48 -26.29
CA ASP A 17 -17.02 1.34 -26.94
C ASP A 17 -17.55 2.74 -27.29
N GLN A 18 -18.78 2.80 -27.82
CA GLN A 18 -19.35 4.08 -28.24
C GLN A 18 -19.37 5.01 -27.06
N ASP A 19 -19.62 4.45 -25.86
CA ASP A 19 -19.80 5.19 -24.62
C ASP A 19 -18.47 5.55 -23.94
N GLY A 20 -17.33 5.21 -24.55
CA GLY A 20 -16.02 5.54 -24.01
C GLY A 20 -15.50 4.50 -23.04
N LYS A 21 -16.22 3.38 -22.95
CA LYS A 21 -16.00 2.39 -21.92
C LYS A 21 -15.20 1.21 -22.46
N ILE A 22 -14.55 0.48 -21.52
CA ILE A 22 -13.82 -0.71 -21.92
C ILE A 22 -14.33 -1.92 -21.14
N GLY A 23 -15.04 -1.67 -20.04
CA GLY A 23 -15.71 -2.71 -19.26
C GLY A 23 -14.78 -3.41 -18.27
N LEU A 24 -14.06 -2.61 -17.48
CA LEU A 24 -12.96 -3.15 -16.72
C LEU A 24 -12.87 -2.42 -15.40
N ARG A 25 -12.72 -3.17 -14.32
CA ARG A 25 -12.18 -2.63 -13.08
C ARG A 25 -10.95 -3.45 -12.73
N LEU A 26 -9.91 -2.76 -12.21
CA LEU A 26 -8.60 -3.29 -11.89
C LEU A 26 -8.33 -3.10 -10.40
N LYS A 27 -7.70 -4.08 -9.73
CA LYS A 27 -7.34 -3.95 -8.32
C LYS A 27 -5.82 -4.06 -8.12
N SER A 28 -5.26 -3.21 -7.26
CA SER A 28 -3.87 -3.30 -6.84
C SER A 28 -3.69 -4.46 -5.85
N ILE A 29 -2.81 -5.42 -6.20
CA ILE A 29 -2.46 -6.53 -5.31
C ILE A 29 -0.95 -6.75 -5.41
N ASP A 30 -0.30 -6.84 -4.23
CA ASP A 30 1.10 -7.16 -4.10
C ASP A 30 1.91 -6.37 -5.12
N ASN A 31 1.61 -5.08 -5.33
CA ASN A 31 2.35 -4.20 -6.24
C ASN A 31 2.23 -4.55 -7.72
N GLY A 32 1.23 -5.38 -8.03
CA GLY A 32 0.80 -5.46 -9.40
C GLY A 32 -0.62 -4.93 -9.52
N ILE A 33 -1.16 -5.14 -10.73
CA ILE A 33 -2.51 -4.70 -11.04
C ILE A 33 -3.24 -5.87 -11.64
N PHE A 34 -4.42 -6.16 -11.11
CA PHE A 34 -5.08 -7.38 -11.47
C PHE A 34 -6.50 -7.01 -11.89
N VAL A 35 -7.12 -7.84 -12.74
CA VAL A 35 -8.51 -7.68 -13.17
C VAL A 35 -9.47 -8.12 -12.05
N GLN A 36 -10.25 -7.18 -11.54
CA GLN A 36 -11.28 -7.42 -10.52
C GLN A 36 -12.62 -7.73 -11.18
N LEU A 37 -12.99 -6.96 -12.23
CA LEU A 37 -14.30 -7.11 -12.89
C LEU A 37 -14.18 -6.99 -14.39
N VAL A 38 -14.75 -7.96 -15.12
CA VAL A 38 -14.95 -7.79 -16.55
C VAL A 38 -16.44 -7.77 -16.85
N GLN A 39 -16.85 -6.66 -17.45
CA GLN A 39 -18.24 -6.42 -17.82
C GLN A 39 -18.59 -7.23 -19.08
N ALA A 40 -19.78 -7.85 -19.09
CA ALA A 40 -20.29 -8.57 -20.26
C ALA A 40 -20.55 -7.59 -21.39
N ASN A 41 -20.29 -8.06 -22.63
CA ASN A 41 -20.47 -7.31 -23.87
C ASN A 41 -19.57 -6.07 -23.89
N SER A 42 -18.33 -6.22 -23.50
CA SER A 42 -17.48 -5.05 -23.46
C SER A 42 -16.28 -5.30 -24.34
N PRO A 43 -15.53 -4.25 -24.72
CA PRO A 43 -14.26 -4.46 -25.42
C PRO A 43 -13.32 -5.39 -24.62
N ALA A 44 -13.37 -5.35 -23.28
CA ALA A 44 -12.50 -6.18 -22.46
C ALA A 44 -12.82 -7.68 -22.58
N SER A 45 -14.11 -8.01 -22.58
CA SER A 45 -14.57 -9.39 -22.75
C SER A 45 -14.35 -9.88 -24.19
N LEU A 46 -14.48 -9.01 -25.19
CA LEU A 46 -14.28 -9.44 -26.56
C LEU A 46 -12.85 -9.87 -26.77
N VAL A 47 -11.90 -9.16 -26.16
CA VAL A 47 -10.49 -9.43 -26.41
C VAL A 47 -10.04 -10.51 -25.45
N GLY A 48 -10.93 -10.87 -24.53
CA GLY A 48 -10.69 -12.09 -23.77
C GLY A 48 -9.94 -11.88 -22.46
N LEU A 49 -9.95 -10.65 -21.88
CA LEU A 49 -9.51 -10.43 -20.52
C LEU A 49 -10.38 -11.20 -19.53
N ARG A 50 -9.74 -11.68 -18.46
CA ARG A 50 -10.36 -12.59 -17.51
C ARG A 50 -10.15 -12.03 -16.12
N PHE A 51 -11.15 -12.20 -15.24
CA PHE A 51 -10.96 -12.01 -13.81
C PHE A 51 -9.70 -12.74 -13.36
N GLY A 52 -8.85 -12.04 -12.60
CA GLY A 52 -7.65 -12.67 -12.07
C GLY A 52 -6.41 -12.25 -12.87
N ASP A 53 -6.61 -11.71 -14.07
CA ASP A 53 -5.52 -11.56 -15.03
C ASP A 53 -4.62 -10.47 -14.48
N GLN A 54 -3.31 -10.65 -14.69
CA GLN A 54 -2.38 -9.59 -14.36
C GLN A 54 -2.15 -8.68 -15.56
N VAL A 55 -2.25 -7.36 -15.35
CA VAL A 55 -1.89 -6.33 -16.32
C VAL A 55 -0.45 -5.84 -16.06
N LEU A 56 0.53 -6.26 -16.87
CA LEU A 56 1.91 -5.80 -16.67
C LEU A 56 2.16 -4.41 -17.26
N GLN A 57 1.69 -4.19 -18.51
CA GLN A 57 1.80 -2.89 -19.13
C GLN A 57 0.47 -2.42 -19.73
N ILE A 58 0.38 -1.09 -19.87
CA ILE A 58 -0.66 -0.40 -20.62
C ILE A 58 0.01 0.67 -21.48
N ASN A 59 -0.07 0.49 -22.80
CA ASN A 59 0.48 1.44 -23.77
C ASN A 59 2.00 1.46 -23.67
N GLY A 60 2.57 0.35 -23.16
CA GLY A 60 4.01 0.19 -23.03
C GLY A 60 4.53 0.79 -21.73
N GLU A 61 3.66 1.37 -20.90
CA GLU A 61 4.05 1.84 -19.58
C GLU A 61 3.83 0.73 -18.55
N ASN A 62 4.88 0.42 -17.76
CA ASN A 62 4.82 -0.58 -16.72
C ASN A 62 3.84 -0.14 -15.63
N CYS A 63 3.13 -1.12 -15.03
CA CYS A 63 2.09 -0.89 -14.04
C CYS A 63 2.56 -1.14 -12.60
N ALA A 64 3.84 -1.46 -12.40
CA ALA A 64 4.30 -1.85 -11.08
C ALA A 64 4.02 -0.74 -10.07
N GLY A 65 3.49 -1.13 -8.93
CA GLY A 65 3.24 -0.21 -7.85
C GLY A 65 2.11 0.78 -8.09
N TRP A 66 1.31 0.63 -9.14
CA TRP A 66 0.22 1.57 -9.36
C TRP A 66 -0.93 1.27 -8.41
N SER A 67 -1.56 2.33 -7.88
CA SER A 67 -2.85 2.21 -7.20
C SER A 67 -3.91 1.77 -8.19
N SER A 68 -5.05 1.30 -7.70
CA SER A 68 -6.22 1.07 -8.52
C SER A 68 -6.67 2.39 -9.14
N ASP A 69 -6.92 3.39 -8.27
CA ASP A 69 -7.29 4.72 -8.70
C ASP A 69 -6.46 5.13 -9.92
N LYS A 70 -5.14 4.90 -9.89
CA LYS A 70 -4.25 5.40 -10.93
C LYS A 70 -4.43 4.66 -12.24
N ALA A 71 -4.61 3.34 -12.15
CA ALA A 71 -4.79 2.52 -13.34
C ALA A 71 -6.09 2.91 -14.02
N HIS A 72 -7.13 3.16 -13.21
CA HIS A 72 -8.42 3.64 -13.69
C HIS A 72 -8.25 4.97 -14.42
N LYS A 73 -7.58 5.91 -13.76
CA LYS A 73 -7.20 7.19 -14.33
C LYS A 73 -6.61 7.00 -15.73
N VAL A 74 -5.57 6.17 -15.85
CA VAL A 74 -4.78 6.06 -17.06
C VAL A 74 -5.66 5.61 -18.22
N LEU A 75 -6.59 4.69 -17.93
CA LEU A 75 -7.44 4.15 -18.98
C LEU A 75 -8.34 5.23 -19.57
N LYS A 76 -8.75 6.19 -18.72
CA LYS A 76 -9.63 7.27 -19.15
C LYS A 76 -8.88 8.27 -20.02
N GLN A 77 -7.57 8.44 -19.79
CA GLN A 77 -6.83 9.50 -20.46
C GLN A 77 -6.11 8.93 -21.69
N ALA A 78 -6.54 7.77 -22.19
CA ALA A 78 -5.90 7.22 -23.38
C ALA A 78 -6.84 7.33 -24.58
N PHE A 79 -6.29 7.75 -25.73
CA PHE A 79 -6.97 7.67 -27.02
C PHE A 79 -7.59 6.28 -27.19
N GLY A 80 -8.91 6.22 -27.34
CA GLY A 80 -9.61 4.95 -27.48
C GLY A 80 -9.07 4.12 -28.63
N GLU A 81 -8.58 4.79 -29.69
CA GLU A 81 -8.09 4.18 -30.93
C GLU A 81 -7.38 2.85 -30.66
N LYS A 82 -6.31 2.94 -29.86
CA LYS A 82 -5.44 1.81 -29.59
C LYS A 82 -5.02 1.91 -28.12
N ILE A 83 -5.55 1.00 -27.29
CA ILE A 83 -4.99 0.72 -25.98
C ILE A 83 -4.35 -0.67 -26.02
N THR A 84 -3.02 -0.67 -26.02
CA THR A 84 -2.26 -1.89 -25.90
C THR A 84 -2.24 -2.25 -24.41
N MET A 85 -2.25 -3.56 -24.14
CA MET A 85 -2.11 -4.07 -22.80
C MET A 85 -1.28 -5.35 -22.88
N THR A 86 -0.36 -5.52 -21.90
CA THR A 86 0.36 -6.78 -21.77
C THR A 86 -0.07 -7.49 -20.49
N ILE A 87 -0.39 -8.79 -20.65
CA ILE A 87 -1.24 -9.52 -19.71
C ILE A 87 -0.52 -10.82 -19.37
N ARG A 88 -0.34 -11.09 -18.07
CA ARG A 88 0.01 -12.42 -17.59
C ARG A 88 -1.29 -13.08 -17.15
N ASP A 89 -1.49 -14.33 -17.57
CA ASP A 89 -2.81 -14.94 -17.53
C ASP A 89 -3.03 -15.60 -16.19
N ARG A 90 -4.06 -15.14 -15.45
CA ARG A 90 -4.53 -15.64 -14.16
C ARG A 90 -3.44 -16.23 -13.26
N PRO A 91 -2.42 -15.44 -12.87
CA PRO A 91 -1.27 -16.00 -12.18
C PRO A 91 -1.60 -16.54 -10.80
N PHE A 92 -2.71 -16.10 -10.21
CA PHE A 92 -3.12 -16.52 -8.88
C PHE A 92 -4.01 -17.77 -8.97
N GLU A 93 -4.22 -18.37 -10.14
CA GLU A 93 -5.19 -19.45 -10.21
C GLU A 93 -4.53 -20.71 -10.74
N ARG A 94 -5.24 -21.82 -10.53
CA ARG A 94 -4.92 -23.12 -11.07
C ARG A 94 -6.20 -23.79 -11.60
N THR A 95 -6.04 -24.73 -12.52
CA THR A 95 -7.17 -25.46 -13.08
C THR A 95 -7.03 -26.93 -12.72
N ILE A 96 -8.12 -27.51 -12.22
CA ILE A 96 -8.18 -28.94 -11.94
C ILE A 96 -9.18 -29.57 -12.92
N THR A 97 -8.84 -30.74 -13.45
CA THR A 97 -9.81 -31.52 -14.23
C THR A 97 -10.28 -32.71 -13.40
N MET A 98 -11.59 -32.95 -13.41
CA MET A 98 -12.18 -34.01 -12.63
C MET A 98 -13.21 -34.77 -13.48
N HIS A 99 -13.57 -35.99 -13.03
CA HIS A 99 -14.54 -36.86 -13.69
C HIS A 99 -15.68 -37.14 -12.70
N LYS A 100 -16.93 -36.98 -13.14
CA LYS A 100 -18.05 -37.36 -12.28
C LYS A 100 -18.14 -38.90 -12.22
N ASP A 101 -18.67 -39.38 -11.11
CA ASP A 101 -18.87 -40.81 -10.92
C ASP A 101 -20.12 -41.27 -11.66
N SER A 102 -20.55 -42.50 -11.34
CA SER A 102 -21.82 -43.04 -11.77
C SER A 102 -22.96 -42.15 -11.29
N THR A 103 -22.81 -41.59 -10.08
CA THR A 103 -23.93 -40.92 -9.43
C THR A 103 -23.86 -39.41 -9.69
N GLY A 104 -23.03 -39.01 -10.68
CA GLY A 104 -22.88 -37.62 -11.11
C GLY A 104 -22.40 -36.66 -10.01
N HIS A 105 -21.28 -36.98 -9.35
CA HIS A 105 -20.67 -36.19 -8.29
C HIS A 105 -19.18 -36.04 -8.55
N VAL A 106 -18.58 -34.86 -8.31
CA VAL A 106 -17.13 -34.72 -8.49
C VAL A 106 -16.41 -35.00 -7.16
N GLY A 107 -17.02 -34.56 -6.08
CA GLY A 107 -16.66 -35.05 -4.77
C GLY A 107 -16.21 -33.94 -3.82
N PHE A 108 -16.97 -32.83 -3.75
CA PHE A 108 -16.70 -31.82 -2.75
C PHE A 108 -17.97 -31.04 -2.39
N ILE A 109 -17.88 -30.37 -1.23
CA ILE A 109 -18.86 -29.47 -0.69
C ILE A 109 -18.21 -28.10 -0.69
N PHE A 110 -19.01 -27.08 -1.00
CA PHE A 110 -18.60 -25.70 -1.13
C PHE A 110 -19.75 -24.80 -0.70
N LYS A 111 -19.44 -23.55 -0.38
CA LYS A 111 -20.41 -22.64 0.18
C LYS A 111 -19.90 -21.22 -0.04
N ASN A 112 -20.70 -20.38 -0.72
CA ASN A 112 -20.30 -19.03 -1.12
C ASN A 112 -19.11 -19.05 -2.05
N GLY A 113 -19.05 -20.07 -2.91
CA GLY A 113 -17.93 -20.21 -3.83
C GLY A 113 -16.75 -20.99 -3.24
N LYS A 114 -16.64 -21.05 -1.91
CA LYS A 114 -15.48 -21.57 -1.22
C LYS A 114 -15.61 -23.08 -0.98
N ILE A 115 -14.77 -23.88 -1.66
CA ILE A 115 -14.69 -25.31 -1.35
C ILE A 115 -14.32 -25.40 0.13
N THR A 116 -15.00 -26.31 0.87
CA THR A 116 -14.89 -26.38 2.33
C THR A 116 -14.64 -27.80 2.79
N SER A 117 -14.88 -28.76 1.91
CA SER A 117 -14.60 -30.12 2.25
C SER A 117 -14.48 -30.92 0.97
N ILE A 118 -13.71 -32.04 1.04
CA ILE A 118 -13.42 -32.97 -0.06
C ILE A 118 -13.84 -34.37 0.40
N VAL A 119 -14.36 -35.20 -0.51
CA VAL A 119 -15.02 -36.45 -0.15
C VAL A 119 -14.16 -37.63 -0.57
N LYS A 120 -14.22 -38.68 0.24
CA LYS A 120 -13.29 -39.80 0.14
C LYS A 120 -13.61 -40.58 -1.11
N ASP A 121 -12.53 -40.97 -1.78
CA ASP A 121 -12.56 -41.78 -3.00
C ASP A 121 -13.19 -41.01 -4.16
N SER A 122 -13.43 -39.71 -3.97
CA SER A 122 -14.02 -38.93 -5.03
C SER A 122 -12.93 -38.60 -6.07
N SER A 123 -13.33 -37.94 -7.14
CA SER A 123 -12.34 -37.51 -8.13
C SER A 123 -11.64 -36.28 -7.57
N ALA A 124 -12.40 -35.47 -6.85
CA ALA A 124 -11.88 -34.29 -6.18
C ALA A 124 -10.67 -34.66 -5.33
N ALA A 125 -10.75 -35.84 -4.70
CA ALA A 125 -9.69 -36.36 -3.85
C ALA A 125 -8.53 -36.80 -4.70
N ARG A 126 -8.83 -37.63 -5.73
CA ARG A 126 -7.78 -38.19 -6.55
C ARG A 126 -6.98 -37.09 -7.22
N ASN A 127 -7.63 -35.96 -7.54
CA ASN A 127 -6.96 -34.86 -8.25
C ASN A 127 -6.42 -33.79 -7.29
N GLY A 128 -6.76 -33.88 -6.01
CA GLY A 128 -6.04 -33.11 -5.01
C GLY A 128 -6.57 -31.69 -4.98
N LEU A 129 -7.89 -31.61 -5.04
CA LEU A 129 -8.57 -30.35 -4.91
C LEU A 129 -8.39 -29.90 -3.46
N LEU A 130 -8.35 -28.60 -3.19
CA LEU A 130 -8.09 -28.03 -1.87
C LEU A 130 -9.29 -27.24 -1.37
N THR A 131 -9.45 -27.21 -0.05
CA THR A 131 -10.44 -26.38 0.63
C THR A 131 -9.87 -24.99 0.83
N GLU A 132 -10.70 -24.08 1.27
CA GLU A 132 -10.25 -22.70 1.40
C GLU A 132 -9.90 -22.11 0.02
N HIS A 133 -10.50 -22.63 -1.05
CA HIS A 133 -10.27 -22.13 -2.41
C HIS A 133 -11.62 -21.67 -2.98
N ASN A 134 -11.64 -20.48 -3.57
CA ASN A 134 -12.85 -19.92 -4.16
C ASN A 134 -12.93 -20.36 -5.62
N ILE A 135 -14.11 -20.79 -6.08
CA ILE A 135 -14.32 -21.21 -7.47
C ILE A 135 -14.43 -19.96 -8.33
N CYS A 136 -13.66 -19.91 -9.42
CA CYS A 136 -13.60 -18.72 -10.26
C CYS A 136 -14.34 -18.95 -11.58
N GLU A 137 -14.23 -20.16 -12.09
CA GLU A 137 -14.65 -20.49 -13.42
C GLU A 137 -15.03 -21.96 -13.38
N ILE A 138 -16.02 -22.37 -14.19
CA ILE A 138 -16.19 -23.78 -14.51
C ILE A 138 -16.19 -23.97 -16.01
N ASN A 139 -15.57 -25.04 -16.45
CA ASN A 139 -15.54 -25.42 -17.85
C ASN A 139 -15.35 -24.21 -18.73
N GLY A 140 -14.63 -23.22 -18.23
CA GLY A 140 -14.28 -22.06 -19.03
C GLY A 140 -15.11 -20.83 -18.71
N GLN A 141 -16.12 -20.97 -17.85
CA GLN A 141 -17.10 -19.92 -17.64
C GLN A 141 -16.95 -19.31 -16.26
N ASN A 142 -16.97 -17.99 -16.21
CA ASN A 142 -16.83 -17.28 -14.96
C ASN A 142 -18.09 -17.48 -14.12
N VAL A 143 -17.96 -17.83 -12.81
CA VAL A 143 -19.12 -18.24 -12.01
C VAL A 143 -19.17 -17.46 -10.71
N ILE A 144 -18.48 -16.30 -10.73
CA ILE A 144 -18.24 -15.54 -9.52
C ILE A 144 -19.44 -14.65 -9.25
N GLY A 145 -20.10 -14.85 -8.12
CA GLY A 145 -21.23 -13.99 -7.75
C GLY A 145 -22.56 -14.69 -8.01
N LEU A 146 -22.55 -15.65 -8.96
CA LEU A 146 -23.61 -16.64 -9.06
C LEU A 146 -23.86 -17.24 -7.69
N LYS A 147 -25.07 -17.74 -7.44
CA LYS A 147 -25.38 -18.30 -6.14
C LYS A 147 -25.00 -19.78 -6.22
N ASP A 148 -25.00 -20.46 -5.07
CA ASP A 148 -24.43 -21.78 -4.97
C ASP A 148 -25.25 -22.71 -5.85
N SER A 149 -26.58 -22.50 -5.77
CA SER A 149 -27.56 -23.21 -6.58
C SER A 149 -27.22 -23.08 -8.06
N GLN A 150 -26.94 -21.86 -8.52
CA GLN A 150 -26.55 -21.68 -9.92
C GLN A 150 -25.24 -22.41 -10.22
N ILE A 151 -24.22 -22.21 -9.36
CA ILE A 151 -22.92 -22.90 -9.52
C ILE A 151 -23.20 -24.39 -9.59
N ALA A 152 -24.04 -24.87 -8.65
CA ALA A 152 -24.39 -26.30 -8.60
C ALA A 152 -25.09 -26.78 -9.87
N ASP A 153 -25.95 -25.90 -10.46
CA ASP A 153 -26.65 -26.16 -11.72
C ASP A 153 -25.67 -26.30 -12.88
N ILE A 154 -24.67 -25.41 -12.94
CA ILE A 154 -23.64 -25.48 -13.97
C ILE A 154 -22.94 -26.84 -13.91
N LEU A 155 -22.83 -27.42 -12.71
CA LEU A 155 -22.00 -28.60 -12.52
C LEU A 155 -22.75 -29.83 -13.02
N SER A 156 -24.05 -29.90 -12.69
CA SER A 156 -24.91 -30.94 -13.24
C SER A 156 -25.01 -30.85 -14.77
N THR A 157 -25.17 -29.63 -15.34
CA THR A 157 -25.41 -29.44 -16.77
C THR A 157 -24.10 -29.47 -17.58
N SER A 158 -23.02 -29.89 -16.92
CA SER A 158 -21.74 -30.11 -17.57
C SER A 158 -21.61 -31.58 -17.96
N GLY A 159 -20.71 -31.90 -18.90
CA GLY A 159 -20.46 -33.29 -19.21
C GLY A 159 -20.01 -34.05 -17.98
N THR A 160 -19.40 -35.22 -18.20
CA THR A 160 -18.77 -35.99 -17.13
C THR A 160 -17.49 -35.28 -16.68
N VAL A 161 -16.80 -34.65 -17.65
CA VAL A 161 -15.53 -33.97 -17.41
C VAL A 161 -15.79 -32.51 -17.00
N VAL A 162 -15.32 -32.19 -15.81
CA VAL A 162 -15.48 -30.89 -15.21
C VAL A 162 -14.09 -30.29 -14.97
N THR A 163 -13.95 -29.05 -15.39
CA THR A 163 -12.73 -28.31 -15.27
C THR A 163 -12.99 -27.12 -14.36
N ILE A 164 -12.25 -27.02 -13.26
CA ILE A 164 -12.47 -25.91 -12.34
C ILE A 164 -11.20 -25.05 -12.23
N THR A 165 -11.43 -23.74 -12.23
CA THR A 165 -10.41 -22.79 -11.96
C THR A 165 -10.68 -22.17 -10.59
N ILE A 166 -9.68 -22.33 -9.70
CA ILE A 166 -9.73 -22.04 -8.28
C ILE A 166 -8.64 -21.03 -7.91
N MET A 167 -8.86 -20.34 -6.79
CA MET A 167 -7.98 -19.29 -6.31
C MET A 167 -7.98 -19.35 -4.78
N PRO A 168 -6.82 -19.40 -4.10
CA PRO A 168 -6.81 -19.26 -2.65
C PRO A 168 -7.74 -18.14 -2.16
N ALA A 169 -8.62 -18.47 -1.21
CA ALA A 169 -9.61 -17.54 -0.67
C ALA A 169 -8.99 -16.26 -0.16
N PHE A 170 -7.86 -16.33 0.56
N PHE A 170 -7.85 -16.37 0.52
CA PHE A 170 -7.27 -15.11 1.08
CA PHE A 170 -7.23 -15.19 1.09
C PHE A 170 -7.03 -14.16 -0.08
C PHE A 170 -6.92 -14.20 -0.03
N ILE A 171 -6.65 -14.73 -1.24
CA ILE A 171 -6.28 -13.86 -2.36
C ILE A 171 -7.53 -13.38 -3.05
N PHE A 172 -8.48 -14.29 -3.23
CA PHE A 172 -9.77 -13.97 -3.78
C PHE A 172 -10.44 -12.87 -2.96
N GLU A 173 -10.50 -13.04 -1.63
CA GLU A 173 -11.07 -12.03 -0.76
C GLU A 173 -10.34 -10.70 -0.90
N HIS A 174 -9.01 -10.70 -1.05
CA HIS A 174 -8.33 -9.42 -1.24
C HIS A 174 -8.77 -8.76 -2.55
N ILE A 175 -9.16 -9.53 -3.58
CA ILE A 175 -9.37 -8.98 -4.92
C ILE A 175 -10.77 -8.35 -5.05
N ILE A 176 -11.81 -9.09 -4.71
CA ILE A 176 -13.19 -8.65 -4.81
C ILE A 176 -13.51 -7.55 -3.80
N LYS A 177 -12.63 -7.33 -2.82
CA LYS A 177 -12.80 -6.34 -1.76
C LYS A 177 -13.05 -4.96 -2.36
N ARG A 178 -14.10 -4.29 -1.86
CA ARG A 178 -14.59 -3.01 -2.37
C ARG A 178 -15.50 -3.24 -3.58
N MET A 179 -16.04 -4.46 -3.69
CA MET A 179 -16.98 -4.81 -4.74
C MET A 179 -18.27 -5.38 -4.14
N ALA A 180 -19.36 -4.62 -4.30
CA ALA A 180 -20.70 -4.97 -3.85
C ALA A 180 -21.18 -6.22 -4.58
N PRO A 181 -21.75 -7.26 -3.89
CA PRO A 181 -22.03 -8.57 -4.53
C PRO A 181 -23.07 -8.64 -5.67
N SER A 182 -23.76 -7.52 -5.96
CA SER A 182 -24.76 -7.46 -7.01
C SER A 182 -24.11 -7.18 -8.37
N ILE A 183 -23.17 -6.23 -8.36
CA ILE A 183 -22.33 -5.92 -9.52
C ILE A 183 -21.73 -7.22 -10.05
N MET A 184 -21.32 -8.10 -9.12
CA MET A 184 -20.77 -9.40 -9.43
C MET A 184 -21.84 -10.28 -10.08
N LYS A 185 -23.00 -10.40 -9.41
CA LYS A 185 -24.07 -11.25 -9.90
C LYS A 185 -24.54 -10.78 -11.27
N SER A 186 -24.69 -9.46 -11.45
CA SER A 186 -25.32 -8.89 -12.63
C SER A 186 -24.27 -8.66 -13.72
N LEU A 187 -23.25 -7.88 -13.38
CA LEU A 187 -22.41 -7.23 -14.37
C LEU A 187 -21.22 -8.09 -14.80
N MET A 188 -20.54 -8.72 -13.82
CA MET A 188 -19.43 -9.64 -14.08
C MET A 188 -19.81 -10.64 -15.16
N ASP A 189 -18.98 -10.66 -16.20
CA ASP A 189 -19.28 -11.43 -17.39
C ASP A 189 -19.37 -12.91 -17.09
N HIS A 190 -20.57 -13.51 -17.19
CA HIS A 190 -20.72 -14.92 -16.89
C HIS A 190 -20.92 -15.79 -18.12
N THR A 191 -20.50 -15.33 -19.29
CA THR A 191 -20.91 -16.01 -20.53
C THR A 191 -19.82 -16.95 -21.00
N ILE A 192 -20.24 -18.04 -21.66
CA ILE A 192 -19.34 -18.86 -22.44
C ILE A 192 -18.71 -17.93 -23.46
N PRO A 193 -17.37 -17.94 -23.66
CA PRO A 193 -16.74 -17.13 -24.69
C PRO A 193 -17.26 -17.40 -26.10
N GLU A 194 -16.88 -16.51 -27.01
CA GLU A 194 -17.46 -16.40 -28.32
C GLU A 194 -16.33 -16.64 -29.32
N VAL A 195 -16.64 -17.38 -30.40
CA VAL A 195 -15.68 -17.67 -31.46
C VAL A 195 -16.12 -16.94 -32.74
N ALA B 3 -19.97 31.97 -9.39
CA ALA B 3 -20.78 30.88 -8.79
C ALA B 3 -22.24 30.93 -9.25
N GLU B 4 -22.50 31.49 -10.44
CA GLU B 4 -23.85 31.69 -10.96
C GLU B 4 -24.58 30.34 -11.16
N ILE B 5 -25.91 30.35 -10.89
CA ILE B 5 -26.77 29.20 -11.10
C ILE B 5 -26.94 29.01 -12.62
N LYS B 6 -26.44 27.89 -13.16
CA LYS B 6 -26.55 27.58 -14.58
C LYS B 6 -27.96 27.06 -14.90
N GLN B 7 -28.53 27.57 -15.98
CA GLN B 7 -29.87 27.19 -16.41
C GLN B 7 -29.85 25.86 -17.18
N GLY B 8 -31.04 25.28 -17.35
CA GLY B 8 -31.18 23.95 -17.95
C GLY B 8 -30.39 22.87 -17.21
N ILE B 9 -29.69 22.02 -17.98
CA ILE B 9 -29.36 20.67 -17.60
C ILE B 9 -28.00 20.28 -18.18
N ARG B 10 -27.07 19.79 -17.36
CA ARG B 10 -25.79 19.28 -17.87
C ARG B 10 -25.64 17.82 -17.44
N GLU B 11 -24.77 17.12 -18.14
CA GLU B 11 -24.47 15.73 -17.88
C GLU B 11 -23.06 15.68 -17.32
N VAL B 12 -22.88 14.85 -16.28
CA VAL B 12 -21.59 14.60 -15.68
C VAL B 12 -21.33 13.10 -15.71
N ILE B 13 -20.05 12.76 -15.61
CA ILE B 13 -19.57 11.39 -15.74
C ILE B 13 -18.62 11.11 -14.58
N LEU B 14 -18.83 10.02 -13.86
CA LEU B 14 -18.15 9.75 -12.60
C LEU B 14 -17.52 8.38 -12.68
N CYS B 15 -16.44 8.22 -11.90
CA CYS B 15 -15.69 6.99 -11.81
C CYS B 15 -15.72 6.54 -10.36
N LYS B 16 -16.37 5.43 -10.02
CA LYS B 16 -16.33 5.08 -8.60
C LYS B 16 -14.87 4.97 -8.21
N ASP B 17 -14.51 5.47 -7.02
CA ASP B 17 -13.13 5.37 -6.52
C ASP B 17 -12.90 3.92 -6.15
N GLN B 18 -11.78 3.66 -5.47
CA GLN B 18 -11.28 2.31 -5.31
C GLN B 18 -11.92 1.62 -4.11
N ASP B 19 -12.54 2.39 -3.20
CA ASP B 19 -13.36 1.85 -2.14
C ASP B 19 -14.81 1.63 -2.61
N GLY B 20 -15.12 1.98 -3.87
CA GLY B 20 -16.39 1.68 -4.51
C GLY B 20 -17.40 2.83 -4.37
N LYS B 21 -16.91 4.05 -4.07
CA LYS B 21 -17.71 5.18 -3.61
C LYS B 21 -17.55 6.38 -4.54
N ILE B 22 -18.57 7.25 -4.52
CA ILE B 22 -18.53 8.47 -5.33
C ILE B 22 -18.59 9.71 -4.45
N GLY B 23 -18.92 9.53 -3.17
CA GLY B 23 -18.88 10.63 -2.21
C GLY B 23 -20.13 11.50 -2.26
N LEU B 24 -21.32 10.88 -2.38
CA LEU B 24 -22.58 11.62 -2.39
C LEU B 24 -23.51 11.08 -1.34
N ARG B 25 -24.46 11.90 -0.95
CA ARG B 25 -25.70 11.38 -0.40
C ARG B 25 -26.84 12.03 -1.15
N LEU B 26 -27.88 11.22 -1.43
CA LEU B 26 -29.03 11.60 -2.25
C LEU B 26 -30.31 11.49 -1.42
N LYS B 27 -31.10 12.57 -1.48
CA LYS B 27 -32.34 12.70 -0.73
C LYS B 27 -33.51 12.99 -1.67
N SER B 28 -34.65 12.37 -1.38
CA SER B 28 -35.85 12.59 -2.17
C SER B 28 -36.61 13.84 -1.69
N ILE B 29 -36.85 14.77 -2.61
CA ILE B 29 -37.60 15.99 -2.29
C ILE B 29 -38.62 16.20 -3.41
N ASP B 30 -39.91 16.24 -3.02
CA ASP B 30 -40.99 16.65 -3.88
C ASP B 30 -40.94 15.74 -5.10
N ASN B 31 -40.70 14.45 -4.88
CA ASN B 31 -40.63 13.49 -5.98
C ASN B 31 -39.50 13.71 -6.98
N GLY B 32 -38.48 14.49 -6.55
CA GLY B 32 -37.19 14.51 -7.20
C GLY B 32 -36.11 13.97 -6.26
N ILE B 33 -34.88 13.88 -6.80
CA ILE B 33 -33.72 13.44 -6.04
C ILE B 33 -32.68 14.56 -6.01
N PHE B 34 -32.22 14.87 -4.81
CA PHE B 34 -31.32 15.98 -4.64
C PHE B 34 -30.10 15.61 -3.78
N VAL B 35 -29.01 16.34 -3.99
CA VAL B 35 -27.74 16.03 -3.34
C VAL B 35 -27.76 16.67 -1.95
N GLN B 36 -27.67 15.87 -0.87
CA GLN B 36 -27.64 16.43 0.49
C GLN B 36 -26.21 16.55 1.03
N LEU B 37 -25.25 15.76 0.51
CA LEU B 37 -23.86 15.81 0.91
C LEU B 37 -22.94 15.49 -0.28
N VAL B 38 -21.92 16.31 -0.47
CA VAL B 38 -20.76 15.89 -1.27
C VAL B 38 -19.53 15.84 -0.35
N GLN B 39 -18.70 14.80 -0.49
CA GLN B 39 -17.46 14.72 0.30
C GLN B 39 -16.28 15.34 -0.43
N ALA B 40 -15.43 16.09 0.31
CA ALA B 40 -14.15 16.58 -0.20
C ALA B 40 -13.31 15.45 -0.80
N ASN B 41 -12.58 15.81 -1.86
CA ASN B 41 -11.64 14.95 -2.57
C ASN B 41 -12.33 13.66 -2.96
N SER B 42 -13.51 13.78 -3.55
CA SER B 42 -14.26 12.61 -3.95
C SER B 42 -14.53 12.71 -5.44
N PRO B 43 -14.89 11.59 -6.11
CA PRO B 43 -15.30 11.64 -7.51
C PRO B 43 -16.33 12.75 -7.74
N ALA B 44 -17.30 12.85 -6.82
CA ALA B 44 -18.40 13.79 -7.00
C ALA B 44 -17.95 15.26 -7.00
N SER B 45 -17.06 15.62 -6.05
CA SER B 45 -16.56 16.99 -5.95
C SER B 45 -15.77 17.30 -7.21
N LEU B 46 -14.93 16.34 -7.62
CA LEU B 46 -14.06 16.54 -8.77
C LEU B 46 -14.85 16.92 -10.03
N VAL B 47 -16.08 16.42 -10.23
CA VAL B 47 -16.81 16.76 -11.45
C VAL B 47 -17.73 17.95 -11.24
N GLY B 48 -17.76 18.45 -10.00
CA GLY B 48 -18.48 19.69 -9.74
C GLY B 48 -19.93 19.44 -9.36
N LEU B 49 -20.25 18.25 -8.83
CA LEU B 49 -21.53 18.09 -8.14
C LEU B 49 -21.54 18.96 -6.86
N ARG B 50 -22.69 19.59 -6.60
CA ARG B 50 -22.85 20.52 -5.49
C ARG B 50 -24.09 20.19 -4.67
N PHE B 51 -24.01 20.61 -3.42
CA PHE B 51 -25.13 20.43 -2.51
C PHE B 51 -26.29 21.21 -3.07
N GLY B 52 -27.47 20.61 -2.99
CA GLY B 52 -28.67 21.20 -3.54
C GLY B 52 -28.92 20.86 -5.01
N ASP B 53 -27.94 20.23 -5.69
CA ASP B 53 -28.17 19.83 -7.07
C ASP B 53 -29.26 18.76 -7.17
N GLN B 54 -30.03 18.83 -8.26
CA GLN B 54 -31.05 17.86 -8.58
C GLN B 54 -30.54 16.77 -9.53
N VAL B 55 -30.76 15.49 -9.23
CA VAL B 55 -30.39 14.42 -10.12
C VAL B 55 -31.61 13.89 -10.89
N LEU B 56 -31.67 14.24 -12.18
CA LEU B 56 -32.79 13.93 -13.08
C LEU B 56 -32.71 12.49 -13.57
N GLN B 57 -31.51 12.07 -13.99
CA GLN B 57 -31.24 10.67 -14.28
C GLN B 57 -29.90 10.17 -13.74
N ILE B 58 -29.85 8.83 -13.56
CA ILE B 58 -28.65 8.06 -13.38
C ILE B 58 -28.57 6.93 -14.41
N ASN B 59 -27.58 7.00 -15.28
CA ASN B 59 -27.35 5.98 -16.26
C ASN B 59 -28.57 5.96 -17.15
N GLY B 60 -29.13 7.15 -17.40
CA GLY B 60 -30.31 7.27 -18.24
C GLY B 60 -31.56 6.66 -17.60
N GLU B 61 -31.63 6.46 -16.29
CA GLU B 61 -32.94 6.18 -15.69
C GLU B 61 -33.39 7.43 -14.96
N ASN B 62 -34.66 7.76 -15.10
CA ASN B 62 -35.27 8.90 -14.45
C ASN B 62 -35.38 8.66 -12.96
N CYS B 63 -35.00 9.67 -12.18
CA CYS B 63 -35.01 9.57 -10.73
C CYS B 63 -36.37 9.93 -10.15
N ALA B 64 -37.30 10.40 -11.00
CA ALA B 64 -38.63 10.82 -10.61
C ALA B 64 -39.34 9.72 -9.81
N GLY B 65 -39.88 10.05 -8.62
CA GLY B 65 -40.52 9.10 -7.73
C GLY B 65 -39.56 8.38 -6.78
N TRP B 66 -38.28 8.23 -7.16
CA TRP B 66 -37.41 7.33 -6.40
C TRP B 66 -37.27 7.79 -4.96
N SER B 67 -37.27 6.84 -4.01
CA SER B 67 -36.95 7.14 -2.62
C SER B 67 -35.44 7.29 -2.50
N SER B 68 -34.96 7.87 -1.40
CA SER B 68 -33.54 8.02 -1.15
C SER B 68 -32.87 6.66 -1.28
N ASP B 69 -33.48 5.64 -0.66
CA ASP B 69 -32.93 4.30 -0.57
C ASP B 69 -32.80 3.68 -1.95
N LYS B 70 -33.82 3.85 -2.77
CA LYS B 70 -33.74 3.30 -4.12
C LYS B 70 -32.58 3.94 -4.90
N ALA B 71 -32.19 5.16 -4.53
CA ALA B 71 -31.18 5.85 -5.32
C ALA B 71 -29.77 5.49 -4.83
N HIS B 72 -29.62 5.41 -3.50
CA HIS B 72 -28.45 4.87 -2.83
C HIS B 72 -28.16 3.44 -3.26
N LYS B 73 -29.22 2.63 -3.39
CA LYS B 73 -29.11 1.29 -3.90
C LYS B 73 -28.66 1.33 -5.36
N VAL B 74 -29.25 2.19 -6.19
CA VAL B 74 -28.89 2.15 -7.61
C VAL B 74 -27.43 2.56 -7.77
N LEU B 75 -26.93 3.39 -6.87
CA LEU B 75 -25.54 3.80 -6.89
C LEU B 75 -24.61 2.72 -6.34
N LYS B 76 -25.01 2.09 -5.22
CA LYS B 76 -24.29 0.96 -4.72
C LYS B 76 -24.10 -0.10 -5.81
N GLN B 77 -25.05 -0.23 -6.76
CA GLN B 77 -25.02 -1.35 -7.70
C GLN B 77 -24.48 -0.94 -9.04
N ALA B 78 -24.17 0.35 -9.20
CA ALA B 78 -23.57 0.83 -10.41
C ALA B 78 -22.17 0.23 -10.62
N PHE B 79 -21.89 -0.27 -11.82
CA PHE B 79 -20.51 -0.49 -12.25
C PHE B 79 -19.71 0.80 -12.13
N GLY B 80 -18.48 0.70 -11.62
CA GLY B 80 -17.71 1.85 -11.22
C GLY B 80 -17.03 2.59 -12.37
N GLU B 81 -16.89 1.98 -13.54
CA GLU B 81 -16.14 2.62 -14.63
C GLU B 81 -16.75 3.94 -15.04
N LYS B 82 -18.02 3.94 -15.51
CA LYS B 82 -18.64 5.19 -15.96
C LYS B 82 -20.08 5.21 -15.49
N ILE B 83 -20.39 6.23 -14.71
CA ILE B 83 -21.74 6.50 -14.24
C ILE B 83 -22.16 7.85 -14.80
N THR B 84 -23.21 7.87 -15.59
CA THR B 84 -23.66 9.13 -16.17
C THR B 84 -24.81 9.61 -15.32
N MET B 85 -24.85 10.90 -15.10
CA MET B 85 -25.88 11.51 -14.28
C MET B 85 -26.29 12.83 -14.94
N THR B 86 -27.58 13.04 -15.09
CA THR B 86 -28.03 14.29 -15.63
C THR B 86 -28.44 15.22 -14.50
N ILE B 87 -27.90 16.45 -14.51
CA ILE B 87 -27.99 17.40 -13.39
C ILE B 87 -28.73 18.65 -13.80
N ARG B 88 -29.47 19.24 -12.84
CA ARG B 88 -30.05 20.57 -12.93
C ARG B 88 -29.48 21.35 -11.76
N ASP B 89 -28.77 22.44 -12.04
CA ASP B 89 -27.84 23.03 -11.08
C ASP B 89 -28.64 23.76 -9.99
N ARG B 90 -28.45 23.35 -8.72
CA ARG B 90 -29.01 24.00 -7.52
C ARG B 90 -30.36 24.70 -7.74
N PRO B 91 -31.41 24.02 -8.17
CA PRO B 91 -32.67 24.69 -8.48
C PRO B 91 -33.35 25.46 -7.36
N PHE B 92 -33.16 25.08 -6.09
CA PHE B 92 -33.83 25.74 -4.97
C PHE B 92 -33.00 26.97 -4.53
N GLU B 93 -31.85 27.13 -5.20
CA GLU B 93 -30.92 28.18 -4.82
C GLU B 93 -30.93 29.32 -5.84
N ARG B 94 -30.43 30.46 -5.34
CA ARG B 94 -30.19 31.69 -6.05
C ARG B 94 -28.93 32.30 -5.45
N THR B 95 -28.19 33.05 -6.26
CA THR B 95 -27.04 33.77 -5.74
C THR B 95 -27.33 35.26 -5.75
N ILE B 96 -26.64 35.94 -4.83
CA ILE B 96 -26.75 37.38 -4.69
C ILE B 96 -25.34 37.93 -4.43
N THR B 97 -25.09 39.11 -5.03
CA THR B 97 -23.80 39.75 -4.98
C THR B 97 -23.99 41.13 -4.35
N MET B 98 -22.99 41.52 -3.54
CA MET B 98 -23.12 42.60 -2.58
C MET B 98 -21.70 43.16 -2.35
N HIS B 99 -21.55 44.43 -1.91
CA HIS B 99 -20.22 45.03 -1.75
C HIS B 99 -19.96 45.44 -0.31
N LYS B 100 -18.92 44.85 0.29
CA LYS B 100 -18.44 45.26 1.61
C LYS B 100 -18.23 46.78 1.58
N ASP B 101 -18.84 47.51 2.53
CA ASP B 101 -18.68 48.96 2.65
C ASP B 101 -17.33 49.26 3.34
N SER B 102 -17.09 50.52 3.71
CA SER B 102 -15.85 50.95 4.35
C SER B 102 -15.60 50.15 5.63
N THR B 103 -16.68 49.91 6.37
CA THR B 103 -16.62 49.14 7.61
C THR B 103 -16.32 47.69 7.29
N GLY B 104 -16.76 47.22 6.10
CA GLY B 104 -16.34 45.92 5.58
C GLY B 104 -17.46 44.87 5.67
N HIS B 105 -18.69 45.37 5.52
CA HIS B 105 -19.92 44.72 5.91
C HIS B 105 -20.87 44.75 4.71
N VAL B 106 -21.80 43.80 4.62
CA VAL B 106 -22.69 43.72 3.46
C VAL B 106 -24.11 44.08 3.87
N GLY B 107 -24.45 43.82 5.16
CA GLY B 107 -25.66 44.37 5.77
C GLY B 107 -26.66 43.30 6.23
N PHE B 108 -26.18 42.29 6.95
CA PHE B 108 -27.16 41.34 7.44
C PHE B 108 -26.70 40.66 8.73
N ILE B 109 -27.72 40.22 9.48
CA ILE B 109 -27.50 39.41 10.67
C ILE B 109 -27.90 37.97 10.33
N PHE B 110 -27.17 37.00 10.88
CA PHE B 110 -27.49 35.61 10.65
C PHE B 110 -27.15 34.81 11.88
N LYS B 111 -27.76 33.63 11.99
CA LYS B 111 -27.67 32.76 13.14
C LYS B 111 -27.90 31.30 12.72
N ASN B 112 -27.00 30.42 13.10
CA ASN B 112 -27.09 29.03 12.74
C ASN B 112 -27.09 28.90 11.23
N GLY B 113 -26.44 29.86 10.55
CA GLY B 113 -26.38 29.82 9.09
C GLY B 113 -27.63 30.35 8.39
N LYS B 114 -28.58 30.91 9.15
CA LYS B 114 -29.80 31.45 8.60
C LYS B 114 -29.84 32.96 8.78
N ILE B 115 -30.12 33.64 7.69
CA ILE B 115 -30.21 35.10 7.69
C ILE B 115 -31.48 35.49 8.45
N THR B 116 -31.30 36.34 9.48
CA THR B 116 -32.41 36.75 10.35
C THR B 116 -32.74 38.23 10.17
N SER B 117 -31.77 39.03 9.73
CA SER B 117 -32.03 40.46 9.61
C SER B 117 -31.24 41.06 8.46
N ILE B 118 -31.77 42.15 7.90
CA ILE B 118 -31.13 42.89 6.84
C ILE B 118 -30.97 44.33 7.31
N VAL B 119 -29.72 44.77 7.46
CA VAL B 119 -29.45 46.15 7.85
C VAL B 119 -30.02 47.12 6.81
N LYS B 120 -30.50 48.28 7.27
CA LYS B 120 -31.03 49.29 6.36
C LYS B 120 -29.91 49.94 5.56
N ASP B 121 -30.27 50.43 4.36
CA ASP B 121 -29.34 51.06 3.43
C ASP B 121 -27.98 50.38 3.51
N SER B 122 -28.00 49.03 3.47
CA SER B 122 -26.83 48.23 3.17
C SER B 122 -26.89 47.79 1.70
N SER B 123 -25.78 47.23 1.22
CA SER B 123 -25.81 46.51 -0.04
C SER B 123 -26.94 45.48 -0.02
N ALA B 124 -27.04 44.73 1.11
CA ALA B 124 -28.02 43.66 1.25
C ALA B 124 -29.42 44.20 1.06
N ALA B 125 -29.68 45.40 1.57
CA ALA B 125 -30.99 45.96 1.28
C ALA B 125 -31.12 46.34 -0.20
N ARG B 126 -29.98 46.64 -0.84
CA ARG B 126 -30.00 47.13 -2.21
C ARG B 126 -30.29 45.94 -3.13
N ASN B 127 -29.59 44.83 -2.87
CA ASN B 127 -29.75 43.62 -3.65
C ASN B 127 -30.85 42.68 -3.14
N GLY B 128 -31.83 43.19 -2.37
CA GLY B 128 -33.03 42.45 -1.94
C GLY B 128 -32.72 41.09 -1.28
N LEU B 129 -31.67 41.05 -0.47
CA LEU B 129 -31.37 39.86 0.33
C LEU B 129 -32.59 39.58 1.20
N LEU B 130 -32.78 38.30 1.52
CA LEU B 130 -34.03 37.82 2.11
C LEU B 130 -33.70 37.14 3.44
N THR B 131 -34.58 37.30 4.44
CA THR B 131 -34.36 36.62 5.72
C THR B 131 -34.97 35.23 5.58
N GLU B 132 -34.71 34.36 6.55
CA GLU B 132 -35.35 33.06 6.63
C GLU B 132 -34.85 32.22 5.45
N HIS B 133 -33.57 32.46 5.12
CA HIS B 133 -32.83 31.75 4.10
C HIS B 133 -31.52 31.31 4.73
N ASN B 134 -31.16 30.04 4.49
CA ASN B 134 -29.88 29.47 4.86
C ASN B 134 -28.83 29.86 3.81
N ILE B 135 -27.64 30.22 4.28
CA ILE B 135 -26.48 30.44 3.45
C ILE B 135 -25.89 29.08 3.06
N CYS B 136 -25.74 28.85 1.75
CA CYS B 136 -25.21 27.58 1.26
C CYS B 136 -23.76 27.75 0.84
N GLU B 137 -23.45 28.90 0.22
CA GLU B 137 -22.13 29.11 -0.36
C GLU B 137 -21.74 30.59 -0.27
N ILE B 138 -20.46 30.86 0.00
CA ILE B 138 -19.87 32.16 -0.25
C ILE B 138 -18.82 32.05 -1.36
N ASN B 139 -18.95 32.93 -2.37
CA ASN B 139 -18.07 32.86 -3.52
C ASN B 139 -17.94 31.42 -4.03
N GLY B 140 -19.09 30.73 -4.11
CA GLY B 140 -19.15 29.39 -4.66
C GLY B 140 -18.50 28.34 -3.78
N GLN B 141 -18.07 28.72 -2.55
CA GLN B 141 -17.63 27.73 -1.60
C GLN B 141 -18.74 27.32 -0.64
N ASN B 142 -18.86 26.01 -0.41
CA ASN B 142 -19.88 25.42 0.45
C ASN B 142 -19.52 25.66 1.92
N VAL B 143 -20.41 26.35 2.66
CA VAL B 143 -20.18 26.62 4.07
C VAL B 143 -21.24 25.99 4.98
N ILE B 144 -21.72 24.79 4.65
CA ILE B 144 -22.78 24.15 5.41
C ILE B 144 -22.25 23.24 6.51
N GLY B 145 -22.66 23.53 7.74
CA GLY B 145 -22.18 22.79 8.90
C GLY B 145 -20.92 23.39 9.50
N LEU B 146 -20.53 24.58 9.01
CA LEU B 146 -19.57 25.47 9.64
C LEU B 146 -20.26 26.40 10.63
N LYS B 147 -19.48 26.98 11.55
CA LYS B 147 -20.02 27.78 12.65
C LYS B 147 -20.18 29.23 12.25
N ASP B 148 -21.07 29.93 12.92
CA ASP B 148 -21.35 31.31 12.55
C ASP B 148 -20.04 32.09 12.50
N SER B 149 -19.05 31.70 13.30
CA SER B 149 -17.74 32.34 13.25
C SER B 149 -16.97 31.98 11.95
N GLN B 150 -16.79 30.69 11.66
CA GLN B 150 -16.13 30.28 10.42
C GLN B 150 -16.77 31.03 9.25
N ILE B 151 -18.11 31.10 9.20
CA ILE B 151 -18.77 31.66 8.04
C ILE B 151 -18.47 33.16 7.98
N ALA B 152 -18.31 33.74 9.18
CA ALA B 152 -18.04 35.16 9.32
C ALA B 152 -16.63 35.46 8.85
N ASP B 153 -15.67 34.63 9.27
CA ASP B 153 -14.29 34.79 8.82
C ASP B 153 -14.23 34.78 7.30
N ILE B 154 -14.92 33.80 6.69
CA ILE B 154 -14.81 33.60 5.27
C ILE B 154 -15.35 34.85 4.57
N LEU B 155 -16.34 35.50 5.17
CA LEU B 155 -16.83 36.74 4.62
C LEU B 155 -15.75 37.79 4.73
N SER B 156 -14.90 37.73 5.76
CA SER B 156 -13.96 38.83 5.95
C SER B 156 -12.80 38.66 4.97
N THR B 157 -12.32 37.42 4.82
CA THR B 157 -11.24 37.11 3.89
C THR B 157 -11.81 37.00 2.48
N SER B 158 -12.51 38.06 2.01
CA SER B 158 -13.16 38.09 0.71
C SER B 158 -13.15 39.52 0.18
N GLY B 159 -13.18 39.67 -1.14
CA GLY B 159 -13.06 40.99 -1.71
C GLY B 159 -14.22 41.89 -1.33
N THR B 160 -14.13 43.14 -1.78
CA THR B 160 -15.25 44.05 -1.81
C THR B 160 -16.50 43.31 -2.24
N VAL B 161 -16.33 42.54 -3.31
CA VAL B 161 -17.45 41.94 -4.02
C VAL B 161 -17.59 40.52 -3.52
N VAL B 162 -18.78 40.21 -2.97
CA VAL B 162 -19.08 38.97 -2.26
C VAL B 162 -20.37 38.37 -2.84
N THR B 163 -20.32 37.07 -3.18
CA THR B 163 -21.51 36.43 -3.74
C THR B 163 -22.08 35.45 -2.72
N ILE B 164 -23.38 35.56 -2.45
CA ILE B 164 -23.97 34.62 -1.50
C ILE B 164 -24.96 33.71 -2.22
N THR B 165 -24.84 32.40 -1.98
CA THR B 165 -25.81 31.47 -2.50
C THR B 165 -26.67 30.98 -1.35
N ILE B 166 -27.98 31.25 -1.45
CA ILE B 166 -28.96 31.00 -0.41
C ILE B 166 -30.07 30.07 -0.92
N MET B 167 -30.83 29.56 0.07
CA MET B 167 -31.94 28.64 -0.07
C MET B 167 -33.00 28.97 0.98
N PRO B 168 -34.30 28.99 0.65
CA PRO B 168 -35.31 29.04 1.71
C PRO B 168 -35.05 27.99 2.80
N ALA B 169 -35.00 28.49 4.03
CA ALA B 169 -34.87 27.72 5.27
C ALA B 169 -35.69 26.45 5.23
N PHE B 170 -36.99 26.58 4.93
N PHE B 170 -37.01 26.54 5.00
CA PHE B 170 -37.92 25.47 5.02
CA PHE B 170 -37.88 25.37 5.06
C PHE B 170 -37.45 24.32 4.13
C PHE B 170 -37.35 24.26 4.15
N ILE B 171 -36.83 24.63 2.99
CA ILE B 171 -36.37 23.62 2.03
C ILE B 171 -35.04 23.04 2.48
N PHE B 172 -34.14 23.94 2.89
CA PHE B 172 -32.89 23.52 3.50
C PHE B 172 -33.13 22.51 4.64
N GLU B 173 -34.04 22.80 5.59
CA GLU B 173 -34.27 21.84 6.67
C GLU B 173 -34.73 20.51 6.05
N HIS B 174 -35.45 20.53 4.94
CA HIS B 174 -36.03 19.28 4.45
C HIS B 174 -34.96 18.38 3.83
N ILE B 175 -33.99 18.99 3.13
CA ILE B 175 -32.91 18.30 2.46
C ILE B 175 -31.96 17.65 3.47
N ILE B 176 -31.72 18.33 4.59
CA ILE B 176 -30.71 17.86 5.54
C ILE B 176 -31.27 16.84 6.51
N LYS B 177 -32.59 16.60 6.50
CA LYS B 177 -33.20 15.47 7.21
C LYS B 177 -32.74 14.12 6.65
N ARG B 178 -32.73 13.10 7.52
CA ARG B 178 -32.13 11.80 7.28
C ARG B 178 -30.59 11.87 7.20
N MET B 179 -29.93 12.61 8.10
CA MET B 179 -28.50 12.75 8.04
C MET B 179 -28.01 13.36 9.35
N ALA B 180 -27.18 12.58 10.07
CA ALA B 180 -26.68 12.98 11.38
C ALA B 180 -25.84 14.25 11.25
N PRO B 181 -26.15 15.34 11.98
CA PRO B 181 -25.35 16.57 11.92
C PRO B 181 -23.83 16.49 12.12
N SER B 182 -23.32 15.27 12.38
CA SER B 182 -21.90 15.09 12.66
C SER B 182 -21.23 14.48 11.42
N ILE B 183 -21.99 13.68 10.67
CA ILE B 183 -21.73 13.41 9.27
C ILE B 183 -21.61 14.74 8.49
N MET B 184 -22.64 15.57 8.65
CA MET B 184 -22.78 16.76 7.84
C MET B 184 -21.58 17.65 8.16
N LYS B 185 -21.35 17.85 9.45
CA LYS B 185 -20.29 18.74 9.91
C LYS B 185 -18.93 18.20 9.49
N SER B 186 -18.74 16.89 9.44
CA SER B 186 -17.41 16.38 9.27
C SER B 186 -17.13 15.95 7.83
N LEU B 187 -18.17 15.76 7.01
CA LEU B 187 -18.00 15.24 5.66
C LEU B 187 -18.36 16.29 4.59
N MET B 188 -19.13 17.32 4.91
CA MET B 188 -19.51 18.24 3.85
C MET B 188 -18.23 18.80 3.23
N ASP B 189 -18.23 18.95 1.90
CA ASP B 189 -17.12 19.46 1.10
C ASP B 189 -17.13 20.97 1.22
N HIS B 190 -15.96 21.58 1.48
CA HIS B 190 -15.84 23.02 1.53
C HIS B 190 -14.63 23.54 0.72
N THR B 191 -14.24 22.80 -0.34
CA THR B 191 -13.18 23.21 -1.24
C THR B 191 -13.45 24.57 -1.87
N ILE B 192 -12.41 25.38 -2.06
CA ILE B 192 -12.64 26.65 -2.73
C ILE B 192 -12.68 26.32 -4.22
N PRO B 193 -13.64 26.90 -4.98
CA PRO B 193 -13.74 26.68 -6.43
C PRO B 193 -12.39 26.86 -7.13
N GLU B 194 -11.92 25.72 -7.65
CA GLU B 194 -10.73 25.53 -8.47
C GLU B 194 -10.92 25.99 -9.92
N VAL B 195 -9.80 26.25 -10.61
CA VAL B 195 -9.89 26.35 -12.06
C VAL B 195 -8.88 25.41 -12.71
N ALA C 3 13.67 -25.73 -12.97
CA ALA C 3 13.27 -24.40 -12.45
C ALA C 3 11.78 -24.13 -12.69
N GLU C 4 11.25 -24.54 -13.85
CA GLU C 4 9.97 -24.03 -14.37
C GLU C 4 8.86 -25.06 -14.19
N ILE C 5 7.61 -24.58 -14.08
CA ILE C 5 6.52 -25.30 -13.44
C ILE C 5 5.59 -25.91 -14.50
N LYS C 6 5.35 -27.24 -14.35
CA LYS C 6 4.49 -28.05 -15.20
C LYS C 6 3.05 -28.01 -14.72
N GLN C 7 2.13 -28.48 -15.58
CA GLN C 7 0.74 -28.77 -15.22
C GLN C 7 0.47 -30.27 -15.42
N GLY C 8 1.51 -31.07 -15.20
CA GLY C 8 1.39 -32.50 -15.11
C GLY C 8 1.42 -32.94 -13.64
N ILE C 9 0.58 -33.94 -13.35
CA ILE C 9 0.81 -34.92 -12.31
C ILE C 9 1.80 -35.97 -12.84
N ARG C 10 2.86 -36.28 -12.10
CA ARG C 10 3.77 -37.37 -12.45
C ARG C 10 3.88 -38.36 -11.28
N GLU C 11 4.47 -39.54 -11.56
CA GLU C 11 4.61 -40.61 -10.58
C GLU C 11 6.11 -40.77 -10.28
N VAL C 12 6.46 -40.93 -9.00
CA VAL C 12 7.84 -41.17 -8.58
C VAL C 12 7.87 -42.44 -7.75
N ILE C 13 8.74 -43.37 -8.17
CA ILE C 13 9.10 -44.54 -7.38
C ILE C 13 10.31 -44.20 -6.51
N LEU C 14 10.31 -44.65 -5.24
CA LEU C 14 11.40 -44.37 -4.30
C LEU C 14 11.76 -45.64 -3.54
N CYS C 15 12.98 -45.65 -2.94
CA CYS C 15 13.45 -46.66 -1.99
C CYS C 15 14.06 -46.03 -0.74
N LYS C 16 13.69 -46.58 0.43
CA LYS C 16 14.21 -46.10 1.70
C LYS C 16 15.71 -46.41 1.80
N ASP C 17 16.47 -45.50 2.39
CA ASP C 17 17.91 -45.68 2.43
C ASP C 17 18.29 -46.76 3.45
N GLN C 18 19.58 -46.74 3.79
CA GLN C 18 20.21 -47.66 4.72
C GLN C 18 19.46 -47.63 6.05
N ASP C 19 19.14 -46.41 6.50
CA ASP C 19 18.51 -46.18 7.79
C ASP C 19 17.02 -46.52 7.73
N GLY C 20 16.39 -46.37 6.55
CA GLY C 20 14.96 -46.60 6.39
C GLY C 20 14.18 -45.28 6.30
N LYS C 21 14.89 -44.24 5.83
CA LYS C 21 14.40 -42.90 5.62
C LYS C 21 14.41 -42.56 4.13
N ILE C 22 13.58 -41.57 3.71
CA ILE C 22 13.63 -40.95 2.36
C ILE C 22 13.93 -39.46 2.47
N GLY C 23 13.95 -38.92 3.67
CA GLY C 23 14.43 -37.57 3.85
C GLY C 23 13.42 -36.52 3.38
N LEU C 24 12.15 -36.77 3.74
CA LEU C 24 11.05 -35.85 3.49
C LEU C 24 10.44 -35.41 4.81
N ARG C 25 9.90 -34.20 4.77
CA ARG C 25 9.00 -33.67 5.77
C ARG C 25 7.82 -33.06 5.02
N LEU C 26 6.61 -33.54 5.34
CA LEU C 26 5.36 -33.30 4.66
C LEU C 26 4.42 -32.45 5.51
N LYS C 27 3.48 -31.69 4.90
CA LYS C 27 2.64 -30.75 5.64
C LYS C 27 1.20 -30.70 5.10
N SER C 28 0.22 -30.61 6.01
CA SER C 28 -1.20 -30.47 5.66
C SER C 28 -1.51 -29.01 5.35
N ILE C 29 -2.07 -28.75 4.15
CA ILE C 29 -2.49 -27.41 3.74
C ILE C 29 -3.80 -27.49 2.96
N ASP C 30 -4.89 -26.92 3.49
CA ASP C 30 -6.16 -26.85 2.78
C ASP C 30 -6.60 -28.24 2.32
N ASN C 31 -6.39 -29.24 3.18
CA ASN C 31 -6.77 -30.62 2.93
C ASN C 31 -5.96 -31.32 1.84
N GLY C 32 -4.88 -30.66 1.37
CA GLY C 32 -3.84 -31.41 0.69
C GLY C 32 -2.62 -31.65 1.59
N ILE C 33 -1.77 -32.56 1.12
CA ILE C 33 -0.44 -32.81 1.67
C ILE C 33 0.64 -32.23 0.73
N PHE C 34 1.61 -31.54 1.32
CA PHE C 34 2.62 -30.78 0.59
C PHE C 34 3.98 -31.06 1.20
N VAL C 35 5.05 -30.86 0.40
CA VAL C 35 6.41 -31.11 0.82
C VAL C 35 6.95 -29.86 1.50
N GLN C 36 7.30 -29.94 2.81
CA GLN C 36 7.88 -28.81 3.54
C GLN C 36 9.41 -28.93 3.69
N LEU C 37 9.95 -30.13 3.53
CA LEU C 37 11.40 -30.23 3.54
C LEU C 37 11.77 -31.41 2.68
N VAL C 38 12.80 -31.20 1.85
CA VAL C 38 13.55 -32.30 1.24
C VAL C 38 15.00 -32.26 1.77
N GLN C 39 15.51 -33.40 2.22
CA GLN C 39 16.92 -33.45 2.65
C GLN C 39 17.82 -33.73 1.44
N ALA C 40 18.99 -33.06 1.41
CA ALA C 40 19.96 -33.30 0.33
C ALA C 40 20.44 -34.74 0.38
N ASN C 41 20.76 -35.27 -0.80
N ASN C 41 20.72 -35.29 -0.81
CA ASN C 41 21.33 -36.60 -0.97
CA ASN C 41 21.35 -36.60 -0.94
C ASN C 41 20.47 -37.62 -0.24
C ASN C 41 20.47 -37.67 -0.33
N SER C 42 19.16 -37.41 -0.34
CA SER C 42 18.18 -38.38 0.15
C SER C 42 17.58 -39.06 -1.07
N PRO C 43 16.95 -40.23 -0.89
CA PRO C 43 16.07 -40.82 -1.90
C PRO C 43 15.07 -39.87 -2.52
N ALA C 44 14.66 -38.86 -1.74
CA ALA C 44 13.74 -37.82 -2.17
C ALA C 44 14.38 -36.83 -3.15
N SER C 45 15.54 -36.27 -2.75
CA SER C 45 16.32 -35.38 -3.63
C SER C 45 16.63 -36.08 -4.96
N LEU C 46 16.93 -37.38 -4.91
CA LEU C 46 17.49 -38.06 -6.06
C LEU C 46 16.40 -38.32 -7.10
N VAL C 47 15.19 -38.62 -6.62
CA VAL C 47 14.10 -38.85 -7.54
C VAL C 47 13.50 -37.51 -7.96
N GLY C 48 13.85 -36.40 -7.32
CA GLY C 48 13.47 -35.08 -7.82
C GLY C 48 12.29 -34.41 -7.11
N LEU C 49 11.91 -34.84 -5.89
CA LEU C 49 10.94 -34.07 -5.11
C LEU C 49 11.54 -32.74 -4.67
N ARG C 50 10.70 -31.70 -4.64
CA ARG C 50 11.12 -30.36 -4.31
C ARG C 50 10.20 -29.79 -3.25
N PHE C 51 10.67 -28.74 -2.58
CA PHE C 51 9.87 -28.03 -1.62
C PHE C 51 8.62 -27.54 -2.33
N GLY C 52 7.43 -27.76 -1.74
CA GLY C 52 6.22 -27.16 -2.28
C GLY C 52 5.44 -28.08 -3.21
N ASP C 53 6.01 -29.26 -3.54
CA ASP C 53 5.33 -30.30 -4.26
C ASP C 53 4.11 -30.76 -3.48
N GLN C 54 3.02 -31.07 -4.20
CA GLN C 54 1.83 -31.66 -3.61
C GLN C 54 1.85 -33.15 -3.84
N VAL C 55 1.54 -33.93 -2.78
CA VAL C 55 1.45 -35.38 -2.82
C VAL C 55 -0.02 -35.80 -2.82
N LEU C 56 -0.41 -36.44 -3.92
CA LEU C 56 -1.79 -36.78 -4.18
C LEU C 56 -2.08 -38.17 -3.61
N GLN C 57 -1.28 -39.16 -4.02
CA GLN C 57 -1.38 -40.53 -3.54
C GLN C 57 -0.02 -41.01 -2.99
N ILE C 58 -0.07 -41.98 -2.06
CA ILE C 58 1.11 -42.75 -1.66
C ILE C 58 0.77 -44.22 -1.82
N ASN C 59 1.60 -44.96 -2.55
CA ASN C 59 1.27 -46.33 -2.91
C ASN C 59 -0.22 -46.40 -3.25
N GLY C 60 -0.72 -45.39 -4.00
CA GLY C 60 -2.00 -45.46 -4.68
C GLY C 60 -3.19 -45.18 -3.77
N GLU C 61 -2.92 -44.47 -2.67
CA GLU C 61 -3.92 -44.08 -1.69
C GLU C 61 -4.03 -42.56 -1.66
N ASN C 62 -5.25 -42.00 -1.74
CA ASN C 62 -5.39 -40.55 -1.74
C ASN C 62 -4.94 -40.00 -0.40
N CYS C 63 -4.35 -38.79 -0.42
CA CYS C 63 -3.83 -38.13 0.76
C CYS C 63 -4.75 -37.02 1.23
N ALA C 64 -5.81 -36.70 0.47
CA ALA C 64 -6.72 -35.63 0.85
C ALA C 64 -7.21 -35.84 2.28
N GLY C 65 -7.20 -34.79 3.10
CA GLY C 65 -7.71 -34.96 4.44
C GLY C 65 -6.63 -35.27 5.46
N TRP C 66 -5.62 -36.07 5.07
CA TRP C 66 -4.62 -36.58 5.99
C TRP C 66 -3.97 -35.47 6.78
N SER C 67 -3.90 -35.61 8.10
CA SER C 67 -2.92 -34.90 8.94
C SER C 67 -1.50 -35.12 8.43
N SER C 68 -0.60 -34.18 8.72
CA SER C 68 0.83 -34.37 8.54
C SER C 68 1.33 -35.66 9.22
N ASP C 69 0.80 -36.00 10.40
CA ASP C 69 1.25 -37.16 11.18
C ASP C 69 0.86 -38.48 10.50
N LYS C 70 -0.35 -38.47 9.95
CA LYS C 70 -0.90 -39.59 9.22
C LYS C 70 -0.06 -39.82 7.97
N ALA C 71 0.28 -38.73 7.27
CA ALA C 71 1.23 -38.83 6.15
C ALA C 71 2.56 -39.46 6.58
N HIS C 72 3.18 -38.92 7.63
CA HIS C 72 4.43 -39.46 8.18
C HIS C 72 4.31 -40.93 8.57
N LYS C 73 3.25 -41.29 9.28
CA LYS C 73 3.17 -42.65 9.80
C LYS C 73 3.00 -43.65 8.65
N VAL C 74 2.26 -43.28 7.61
CA VAL C 74 2.01 -44.17 6.49
C VAL C 74 3.35 -44.47 5.83
N LEU C 75 4.06 -43.39 5.51
CA LEU C 75 5.39 -43.58 4.94
C LEU C 75 6.28 -44.40 5.90
N LYS C 76 6.26 -44.05 7.19
CA LYS C 76 7.04 -44.76 8.18
C LYS C 76 6.75 -46.26 8.06
N GLN C 77 5.54 -46.66 7.63
CA GLN C 77 5.11 -48.04 7.83
C GLN C 77 5.10 -48.83 6.53
N ALA C 78 5.52 -48.20 5.42
CA ALA C 78 5.60 -48.93 4.16
C ALA C 78 6.95 -49.64 4.06
N PHE C 79 6.89 -50.97 3.83
CA PHE C 79 8.05 -51.86 3.87
C PHE C 79 8.24 -52.56 2.54
N GLY C 80 7.19 -52.67 1.72
CA GLY C 80 7.38 -53.14 0.35
C GLY C 80 8.59 -52.46 -0.28
N GLU C 81 9.11 -53.04 -1.37
CA GLU C 81 10.44 -52.72 -1.87
C GLU C 81 10.49 -51.27 -2.38
N LYS C 82 9.41 -50.80 -3.01
CA LYS C 82 9.35 -49.42 -3.50
C LYS C 82 8.25 -48.65 -2.77
N ILE C 83 8.37 -47.32 -2.82
CA ILE C 83 7.30 -46.43 -2.42
C ILE C 83 6.88 -45.59 -3.64
N THR C 84 5.63 -45.77 -4.12
CA THR C 84 5.13 -44.95 -5.21
C THR C 84 4.40 -43.73 -4.63
N MET C 85 4.81 -42.54 -5.09
CA MET C 85 4.10 -41.31 -4.83
C MET C 85 3.68 -40.69 -6.16
N THR C 86 2.41 -40.25 -6.21
CA THR C 86 1.99 -39.35 -7.28
C THR C 86 2.01 -37.88 -6.85
N ILE C 87 2.64 -37.03 -7.66
CA ILE C 87 2.96 -35.65 -7.31
C ILE C 87 2.32 -34.68 -8.28
N ARG C 88 1.91 -33.49 -7.77
CA ARG C 88 1.58 -32.34 -8.58
C ARG C 88 2.60 -31.24 -8.31
N ASP C 89 3.13 -30.67 -9.38
CA ASP C 89 4.39 -29.95 -9.33
C ASP C 89 4.13 -28.56 -8.82
N ARG C 90 4.89 -28.22 -7.78
CA ARG C 90 4.81 -27.00 -7.00
C ARG C 90 3.64 -26.07 -7.31
N PRO C 91 2.40 -26.47 -6.93
CA PRO C 91 1.16 -25.77 -7.33
C PRO C 91 0.98 -24.35 -6.80
N PHE C 92 1.67 -24.03 -5.68
CA PHE C 92 1.54 -22.71 -5.07
C PHE C 92 2.52 -21.74 -5.64
N GLU C 93 3.41 -22.18 -6.54
CA GLU C 93 4.52 -21.34 -6.95
C GLU C 93 4.40 -20.99 -8.42
N ARG C 94 4.96 -19.83 -8.79
N ARG C 94 5.08 -19.90 -8.80
CA ARG C 94 5.20 -19.42 -10.16
CA ARG C 94 5.17 -19.40 -10.15
C ARG C 94 6.69 -19.14 -10.37
C ARG C 94 6.60 -18.91 -10.42
N THR C 95 7.12 -19.18 -11.63
CA THR C 95 8.49 -18.82 -11.99
C THR C 95 8.47 -17.63 -12.95
N ILE C 96 9.25 -16.60 -12.61
CA ILE C 96 9.36 -15.39 -13.39
C ILE C 96 10.78 -15.39 -13.96
N THR C 97 10.90 -15.03 -15.24
CA THR C 97 12.21 -14.89 -15.88
C THR C 97 12.52 -13.43 -16.19
N MET C 98 13.67 -12.97 -15.70
CA MET C 98 14.07 -11.59 -15.76
C MET C 98 15.42 -11.49 -16.48
N HIS C 99 15.80 -10.29 -16.92
CA HIS C 99 17.02 -10.10 -17.70
C HIS C 99 17.80 -8.98 -17.02
N LYS C 100 18.96 -9.30 -16.42
CA LYS C 100 19.80 -8.29 -15.81
C LYS C 100 19.97 -7.13 -16.80
N ASP C 101 19.97 -5.90 -16.27
CA ASP C 101 20.23 -4.71 -17.07
C ASP C 101 21.75 -4.47 -17.16
N SER C 102 22.15 -3.20 -17.25
CA SER C 102 23.54 -2.81 -17.41
C SER C 102 24.32 -3.02 -16.11
N THR C 103 23.75 -2.54 -15.01
CA THR C 103 24.40 -2.67 -13.71
C THR C 103 24.44 -4.13 -13.24
N GLY C 104 24.02 -5.08 -14.11
CA GLY C 104 23.86 -6.48 -13.74
C GLY C 104 22.74 -6.67 -12.71
N HIS C 105 21.68 -5.89 -12.88
CA HIS C 105 20.61 -5.81 -11.90
C HIS C 105 19.29 -6.24 -12.55
N VAL C 106 18.45 -6.87 -11.73
CA VAL C 106 17.17 -7.42 -12.15
C VAL C 106 16.03 -6.53 -11.67
N GLY C 107 16.16 -6.01 -10.44
CA GLY C 107 15.53 -4.80 -9.99
C GLY C 107 14.62 -5.03 -8.78
N PHE C 108 15.04 -5.76 -7.75
CA PHE C 108 14.11 -5.95 -6.63
C PHE C 108 14.77 -6.07 -5.25
N ILE C 109 13.94 -6.02 -4.22
CA ILE C 109 14.40 -5.90 -2.85
C ILE C 109 13.65 -6.93 -2.01
N PHE C 110 14.36 -7.54 -1.05
CA PHE C 110 13.81 -8.62 -0.25
C PHE C 110 14.46 -8.68 1.15
N LYS C 111 13.76 -9.30 2.11
CA LYS C 111 14.19 -9.47 3.49
C LYS C 111 13.66 -10.79 4.04
N ASN C 112 14.49 -11.54 4.75
CA ASN C 112 14.11 -12.89 5.09
C ASN C 112 13.68 -13.63 3.81
N GLY C 113 14.29 -13.26 2.67
CA GLY C 113 14.03 -13.96 1.42
C GLY C 113 12.61 -13.74 0.87
N LYS C 114 11.96 -12.62 1.26
CA LYS C 114 10.60 -12.28 0.87
C LYS C 114 10.64 -10.97 0.16
N ILE C 115 10.08 -10.91 -1.05
CA ILE C 115 10.28 -9.76 -1.92
C ILE C 115 9.47 -8.60 -1.36
N THR C 116 10.03 -7.39 -1.38
CA THR C 116 9.45 -6.28 -0.65
C THR C 116 9.30 -5.06 -1.54
N SER C 117 10.02 -4.98 -2.64
CA SER C 117 9.90 -3.77 -3.45
C SER C 117 10.42 -4.01 -4.88
N ILE C 118 9.78 -3.36 -5.85
CA ILE C 118 10.08 -3.55 -7.24
C ILE C 118 10.59 -2.22 -7.78
N VAL C 119 11.68 -2.28 -8.53
CA VAL C 119 12.42 -1.11 -8.93
C VAL C 119 11.75 -0.58 -10.18
N LYS C 120 11.52 0.74 -10.19
CA LYS C 120 11.03 1.40 -11.39
C LYS C 120 11.86 0.93 -12.60
N ASP C 121 11.15 0.58 -13.69
CA ASP C 121 11.76 0.33 -14.98
C ASP C 121 12.80 -0.78 -14.96
N SER C 122 12.71 -1.73 -14.02
CA SER C 122 13.58 -2.90 -14.01
C SER C 122 12.98 -4.05 -14.81
N SER C 123 13.75 -5.12 -15.01
CA SER C 123 13.20 -6.35 -15.57
C SER C 123 12.12 -6.94 -14.66
N ALA C 124 12.29 -6.79 -13.35
CA ALA C 124 11.31 -7.21 -12.36
C ALA C 124 9.97 -6.55 -12.63
N ALA C 125 10.02 -5.27 -12.98
CA ALA C 125 8.81 -4.51 -13.26
C ALA C 125 8.25 -4.87 -14.64
N ARG C 126 9.11 -5.15 -15.63
CA ARG C 126 8.60 -5.43 -16.95
C ARG C 126 7.84 -6.74 -16.93
N ASN C 127 8.28 -7.66 -16.06
CA ASN C 127 7.70 -8.99 -15.96
C ASN C 127 6.77 -9.14 -14.75
N GLY C 128 6.38 -8.05 -14.08
CA GLY C 128 5.42 -8.07 -12.99
C GLY C 128 5.68 -9.06 -11.86
N LEU C 129 6.95 -9.14 -11.44
CA LEU C 129 7.32 -9.63 -10.13
C LEU C 129 6.49 -8.94 -9.03
N LEU C 130 6.05 -9.72 -8.05
CA LEU C 130 5.18 -9.21 -7.02
C LEU C 130 5.92 -9.13 -5.68
N THR C 131 5.50 -8.20 -4.79
CA THR C 131 5.94 -8.13 -3.41
C THR C 131 5.06 -9.04 -2.57
N GLU C 132 5.50 -9.42 -1.37
CA GLU C 132 4.75 -10.29 -0.48
C GLU C 132 4.77 -11.71 -1.03
N HIS C 133 5.83 -12.01 -1.78
CA HIS C 133 6.13 -13.35 -2.21
C HIS C 133 7.48 -13.76 -1.61
N ASN C 134 7.57 -15.01 -1.15
CA ASN C 134 8.82 -15.61 -0.72
C ASN C 134 9.54 -16.28 -1.89
N ILE C 135 10.84 -15.99 -2.04
CA ILE C 135 11.71 -16.60 -3.02
C ILE C 135 11.96 -18.02 -2.60
N CYS C 136 11.56 -18.98 -3.42
CA CYS C 136 11.71 -20.39 -3.10
C CYS C 136 12.95 -21.00 -3.72
N GLU C 137 13.25 -20.49 -4.93
CA GLU C 137 14.28 -21.02 -5.78
C GLU C 137 14.79 -19.90 -6.66
N ILE C 138 16.12 -19.92 -6.94
CA ILE C 138 16.72 -19.18 -8.04
C ILE C 138 17.38 -20.14 -9.03
N ASN C 139 17.04 -20.00 -10.32
CA ASN C 139 17.43 -20.84 -11.44
C ASN C 139 17.39 -22.32 -11.10
N GLY C 140 16.30 -22.78 -10.50
CA GLY C 140 16.20 -24.18 -10.14
C GLY C 140 16.80 -24.48 -8.78
N GLN C 141 17.51 -23.51 -8.20
CA GLN C 141 18.20 -23.81 -6.96
C GLN C 141 17.34 -23.37 -5.77
N ASN C 142 16.84 -24.34 -4.99
CA ASN C 142 16.18 -24.06 -3.73
C ASN C 142 17.09 -23.19 -2.85
N VAL C 143 16.55 -22.08 -2.35
CA VAL C 143 17.30 -21.21 -1.46
C VAL C 143 16.57 -20.99 -0.16
N ILE C 144 15.90 -22.04 0.35
CA ILE C 144 15.07 -21.89 1.53
C ILE C 144 15.92 -22.27 2.73
N GLY C 145 16.09 -21.34 3.67
CA GLY C 145 17.16 -21.42 4.65
C GLY C 145 18.24 -20.37 4.37
N LEU C 146 18.82 -20.41 3.17
CA LEU C 146 19.89 -19.48 2.85
C LEU C 146 19.56 -18.08 3.40
N LYS C 147 20.58 -17.38 3.91
CA LYS C 147 20.45 -16.06 4.50
C LYS C 147 20.40 -15.08 3.34
N ASP C 148 20.04 -13.82 3.64
CA ASP C 148 19.82 -12.88 2.56
C ASP C 148 21.17 -12.68 1.87
N SER C 149 22.25 -12.89 2.66
CA SER C 149 23.59 -12.69 2.14
C SER C 149 23.88 -13.75 1.09
N GLN C 150 23.49 -14.99 1.32
CA GLN C 150 23.75 -16.05 0.35
C GLN C 150 22.91 -15.83 -0.90
N ILE C 151 21.60 -15.58 -0.68
CA ILE C 151 20.65 -15.33 -1.74
C ILE C 151 21.19 -14.21 -2.63
N ALA C 152 21.64 -13.11 -2.02
CA ALA C 152 22.15 -11.99 -2.81
C ALA C 152 23.41 -12.35 -3.61
N ASP C 153 24.23 -13.25 -3.05
CA ASP C 153 25.42 -13.73 -3.73
C ASP C 153 25.06 -14.45 -5.03
N ILE C 154 24.02 -15.29 -4.95
CA ILE C 154 23.53 -16.04 -6.08
C ILE C 154 22.94 -15.10 -7.13
N LEU C 155 22.24 -14.06 -6.67
CA LEU C 155 21.61 -13.15 -7.60
C LEU C 155 22.71 -12.43 -8.37
N SER C 156 23.78 -12.05 -7.65
CA SER C 156 24.84 -11.28 -8.26
C SER C 156 25.66 -12.20 -9.16
N THR C 157 26.16 -13.30 -8.59
CA THR C 157 26.84 -14.36 -9.33
C THR C 157 25.84 -15.23 -10.12
N SER C 158 25.26 -14.68 -11.18
CA SER C 158 24.36 -15.46 -12.03
C SER C 158 24.35 -14.78 -13.38
N GLY C 159 24.10 -15.56 -14.42
CA GLY C 159 24.07 -15.03 -15.76
C GLY C 159 23.07 -13.88 -15.87
N THR C 160 22.81 -13.49 -17.13
CA THR C 160 21.98 -12.34 -17.45
C THR C 160 20.52 -12.68 -17.25
N VAL C 161 20.17 -13.90 -17.63
CA VAL C 161 18.85 -14.46 -17.47
C VAL C 161 18.76 -15.03 -16.05
N VAL C 162 17.85 -14.50 -15.23
CA VAL C 162 17.61 -14.96 -13.87
C VAL C 162 16.17 -15.48 -13.79
N THR C 163 15.99 -16.73 -13.33
CA THR C 163 14.68 -17.28 -13.05
C THR C 163 14.49 -17.33 -11.54
N ILE C 164 13.38 -16.75 -11.07
CA ILE C 164 12.97 -16.83 -9.67
C ILE C 164 11.71 -17.69 -9.61
N THR C 165 11.65 -18.57 -8.62
CA THR C 165 10.42 -19.27 -8.29
C THR C 165 9.86 -18.71 -7.00
N ILE C 166 8.62 -18.19 -7.04
CA ILE C 166 8.04 -17.47 -5.90
C ILE C 166 6.71 -18.08 -5.43
N MET C 167 6.39 -17.82 -4.17
CA MET C 167 5.24 -18.39 -3.50
C MET C 167 4.65 -17.28 -2.63
N PRO C 168 3.32 -17.01 -2.69
CA PRO C 168 2.72 -15.94 -1.88
C PRO C 168 3.09 -16.12 -0.40
N ALA C 169 3.53 -15.03 0.22
CA ALA C 169 4.04 -15.00 1.59
C ALA C 169 3.24 -15.86 2.57
N PHE C 170 1.90 -15.80 2.50
N PHE C 170 1.90 -15.78 2.49
CA PHE C 170 1.08 -16.41 3.53
CA PHE C 170 1.00 -16.39 3.46
C PHE C 170 1.04 -17.92 3.31
C PHE C 170 1.06 -17.90 3.30
N ILE C 171 1.28 -18.36 2.08
CA ILE C 171 1.23 -19.77 1.83
C ILE C 171 2.57 -20.29 2.31
N PHE C 172 3.61 -19.51 2.05
CA PHE C 172 4.93 -19.89 2.55
C PHE C 172 4.94 -20.06 4.09
N GLU C 173 4.45 -19.06 4.83
CA GLU C 173 4.43 -19.11 6.29
C GLU C 173 3.67 -20.32 6.78
N HIS C 174 2.57 -20.65 6.14
CA HIS C 174 1.79 -21.76 6.62
C HIS C 174 2.62 -23.02 6.43
N ILE C 175 3.23 -23.18 5.25
CA ILE C 175 3.84 -24.47 4.90
C ILE C 175 4.98 -24.80 5.86
N ILE C 176 5.72 -23.78 6.33
CA ILE C 176 6.94 -24.02 7.12
C ILE C 176 6.64 -24.07 8.63
N LYS C 177 5.36 -23.94 8.99
CA LYS C 177 4.87 -24.34 10.30
C LYS C 177 5.30 -25.79 10.54
N ARG C 178 5.64 -26.10 11.80
CA ARG C 178 6.04 -27.44 12.26
C ARG C 178 7.53 -27.66 11.99
N MET C 179 8.25 -26.54 11.85
CA MET C 179 9.64 -26.57 11.46
C MET C 179 10.37 -25.38 12.06
N ALA C 180 11.31 -25.68 12.96
CA ALA C 180 12.13 -24.64 13.57
C ALA C 180 13.10 -24.13 12.53
N PRO C 181 13.26 -22.79 12.39
CA PRO C 181 14.22 -22.22 11.45
C PRO C 181 15.58 -22.93 11.40
N SER C 182 16.06 -23.40 12.55
CA SER C 182 17.37 -24.01 12.66
C SER C 182 17.48 -25.31 11.85
N ILE C 183 16.40 -26.11 11.81
CA ILE C 183 16.37 -27.38 11.09
C ILE C 183 16.14 -27.16 9.59
N MET C 184 15.46 -26.09 9.23
CA MET C 184 15.21 -25.80 7.83
C MET C 184 16.54 -25.44 7.20
N LYS C 185 17.23 -24.47 7.81
CA LYS C 185 18.53 -23.99 7.36
C LYS C 185 19.50 -25.16 7.16
N SER C 186 19.49 -26.17 8.04
CA SER C 186 20.54 -27.17 8.02
C SER C 186 20.21 -28.39 7.18
N LEU C 187 18.93 -28.71 6.99
CA LEU C 187 18.59 -29.97 6.33
C LEU C 187 18.18 -29.73 4.87
N MET C 188 17.74 -28.52 4.56
CA MET C 188 16.99 -28.28 3.34
C MET C 188 17.91 -28.37 2.12
N ASP C 189 17.70 -29.43 1.32
CA ASP C 189 18.31 -29.60 0.01
C ASP C 189 18.46 -28.24 -0.68
N HIS C 190 19.73 -27.85 -0.93
CA HIS C 190 20.10 -26.71 -1.77
C HIS C 190 21.00 -27.14 -2.92
N THR C 191 21.00 -28.45 -3.19
CA THR C 191 21.66 -29.04 -4.36
C THR C 191 21.46 -28.21 -5.63
N ILE C 192 22.52 -28.13 -6.42
CA ILE C 192 22.38 -27.79 -7.83
C ILE C 192 22.45 -29.08 -8.63
N PRO C 193 21.34 -29.56 -9.23
CA PRO C 193 21.28 -30.92 -9.74
C PRO C 193 22.10 -31.19 -11.01
N GLU C 194 22.04 -30.23 -11.97
CA GLU C 194 22.66 -30.38 -13.29
C GLU C 194 22.93 -29.03 -13.91
N VAL C 195 24.13 -28.84 -14.43
CA VAL C 195 24.47 -27.58 -15.06
C VAL C 195 24.36 -27.75 -16.60
N ILE D 5 36.14 15.02 12.89
CA ILE D 5 36.57 15.81 14.08
C ILE D 5 37.91 16.48 13.72
N LYS D 6 37.94 17.82 13.77
CA LYS D 6 39.16 18.58 13.47
C LYS D 6 39.99 18.69 14.76
N GLN D 7 41.32 18.60 14.67
CA GLN D 7 42.19 18.85 15.81
C GLN D 7 42.46 20.36 15.89
N GLY D 8 42.94 20.80 17.06
CA GLY D 8 43.02 22.23 17.35
C GLY D 8 41.64 22.85 17.48
N ILE D 9 41.55 24.17 17.27
CA ILE D 9 40.40 24.95 17.70
C ILE D 9 40.02 25.95 16.61
N ARG D 10 38.74 26.24 16.38
CA ARG D 10 38.43 27.20 15.33
C ARG D 10 37.75 28.45 15.94
N GLU D 11 38.46 29.60 15.81
CA GLU D 11 37.89 30.93 16.03
C GLU D 11 36.72 31.13 15.07
N VAL D 12 35.61 31.72 15.55
CA VAL D 12 34.49 32.08 14.70
C VAL D 12 33.93 33.43 15.09
N ILE D 13 33.26 34.10 14.11
CA ILE D 13 32.69 35.46 14.18
C ILE D 13 31.21 35.37 13.81
N LEU D 14 30.34 35.95 14.65
CA LEU D 14 28.91 35.74 14.52
C LEU D 14 28.22 37.10 14.56
N CYS D 15 27.06 37.16 13.91
CA CYS D 15 26.14 38.28 14.02
C CYS D 15 24.83 37.76 14.58
N LYS D 16 24.28 38.50 15.55
CA LYS D 16 22.95 38.23 16.04
C LYS D 16 21.96 38.44 14.90
N ASP D 17 20.78 37.83 14.99
CA ASP D 17 19.68 38.14 14.11
C ASP D 17 18.94 39.35 14.68
N GLN D 18 17.75 39.64 14.13
CA GLN D 18 16.91 40.76 14.55
C GLN D 18 16.32 40.58 15.96
N ASP D 19 16.27 39.35 16.47
CA ASP D 19 15.72 39.17 17.81
C ASP D 19 16.81 39.16 18.88
N GLY D 20 18.07 39.37 18.45
CA GLY D 20 19.24 39.41 19.33
C GLY D 20 19.81 38.02 19.67
N LYS D 21 19.59 37.02 18.79
CA LYS D 21 19.94 35.63 19.09
C LYS D 21 21.16 35.20 18.25
N ILE D 22 21.91 34.20 18.72
CA ILE D 22 22.82 33.48 17.85
C ILE D 22 22.36 32.03 17.71
N GLY D 23 21.18 31.67 18.27
CA GLY D 23 20.67 30.30 18.22
C GLY D 23 21.67 29.27 18.78
N LEU D 24 21.86 29.27 20.12
CA LEU D 24 22.65 28.30 20.86
C LEU D 24 21.95 27.99 22.19
N ARG D 25 22.15 26.77 22.71
CA ARG D 25 22.07 26.57 24.16
C ARG D 25 23.37 25.98 24.69
N LEU D 26 23.55 26.14 25.98
CA LEU D 26 24.82 25.79 26.57
C LEU D 26 24.58 25.00 27.87
N LYS D 27 25.53 24.10 28.15
CA LYS D 27 25.52 23.33 29.38
C LYS D 27 26.94 23.32 29.94
N SER D 28 27.04 23.43 31.28
CA SER D 28 28.31 23.28 31.98
C SER D 28 28.60 21.80 32.18
N ILE D 29 29.79 21.38 31.75
CA ILE D 29 30.25 20.03 31.94
C ILE D 29 31.72 20.08 32.27
N ASP D 30 32.10 19.42 33.37
CA ASP D 30 33.49 19.22 33.77
C ASP D 30 34.23 20.56 33.71
N ASN D 31 33.52 21.68 34.01
CA ASN D 31 34.06 23.04 34.06
C ASN D 31 34.38 23.57 32.67
N GLY D 32 33.86 22.87 31.66
CA GLY D 32 33.75 23.44 30.35
C GLY D 32 32.35 23.96 30.11
N ILE D 33 32.19 24.69 29.00
CA ILE D 33 30.89 24.95 28.42
C ILE D 33 30.83 24.24 27.05
N PHE D 34 29.66 23.65 26.79
CA PHE D 34 29.43 22.83 25.61
C PHE D 34 28.07 23.18 25.01
N VAL D 35 28.00 23.13 23.68
CA VAL D 35 26.76 23.39 22.96
C VAL D 35 25.83 22.21 23.14
N GLN D 36 24.72 22.46 23.81
CA GLN D 36 23.66 21.49 24.01
C GLN D 36 22.66 21.56 22.85
N LEU D 37 22.82 22.61 22.01
CA LEU D 37 21.92 22.85 20.90
C LEU D 37 22.45 23.89 19.93
N VAL D 38 22.50 23.51 18.64
CA VAL D 38 22.60 24.45 17.53
C VAL D 38 21.21 24.54 16.93
N GLN D 39 20.64 25.75 16.82
CA GLN D 39 19.33 25.93 16.20
C GLN D 39 19.39 25.88 14.66
N ALA D 40 18.35 25.27 14.07
CA ALA D 40 18.07 25.36 12.63
C ALA D 40 18.09 26.83 12.20
N ASN D 41 19.03 27.20 11.31
CA ASN D 41 19.04 28.53 10.70
C ASN D 41 19.69 29.55 11.65
N SER D 42 20.30 29.11 12.74
CA SER D 42 20.96 30.03 13.65
C SER D 42 22.10 30.72 12.91
N PRO D 43 22.39 31.99 13.24
CA PRO D 43 23.70 32.54 12.90
C PRO D 43 24.86 31.59 13.24
N ALA D 44 24.72 30.88 14.38
CA ALA D 44 25.65 29.84 14.84
C ALA D 44 25.79 28.73 13.80
N SER D 45 24.69 28.01 13.48
CA SER D 45 24.70 27.04 12.39
C SER D 45 25.50 27.61 11.22
N LEU D 46 24.97 28.71 10.65
CA LEU D 46 25.50 29.24 9.40
C LEU D 46 27.02 29.47 9.49
N VAL D 47 27.62 29.66 10.69
CA VAL D 47 29.09 29.81 10.79
C VAL D 47 29.79 28.47 11.08
N GLY D 48 29.06 27.38 11.34
CA GLY D 48 29.66 26.05 11.44
C GLY D 48 29.78 25.55 12.89
N LEU D 49 28.85 25.99 13.75
CA LEU D 49 28.73 25.47 15.11
C LEU D 49 27.85 24.24 15.09
N ARG D 50 28.26 23.27 15.95
CA ARG D 50 27.66 21.94 16.04
C ARG D 50 27.59 21.43 17.48
N PHE D 51 26.47 20.72 17.77
CA PHE D 51 26.11 20.13 19.06
C PHE D 51 27.27 19.38 19.70
N GLY D 52 27.40 19.57 21.02
CA GLY D 52 28.55 19.08 21.76
C GLY D 52 29.85 19.75 21.35
N ASP D 53 29.79 20.89 20.64
CA ASP D 53 31.02 21.65 20.45
C ASP D 53 31.35 22.31 21.79
N GLN D 54 32.61 22.57 22.02
CA GLN D 54 33.00 23.27 23.23
C GLN D 54 33.26 24.76 22.96
N VAL D 55 32.51 25.63 23.65
CA VAL D 55 32.83 27.05 23.69
C VAL D 55 33.94 27.36 24.70
N LEU D 56 35.11 27.76 24.19
CA LEU D 56 36.36 27.84 24.93
C LEU D 56 36.64 29.27 25.44
N GLN D 57 36.34 30.24 24.58
CA GLN D 57 36.37 31.65 24.93
C GLN D 57 35.11 32.28 24.43
N ILE D 58 34.81 33.45 25.00
CA ILE D 58 34.00 34.45 24.34
C ILE D 58 34.66 35.83 24.50
N ASN D 59 34.83 36.47 23.33
CA ASN D 59 35.27 37.84 23.23
C ASN D 59 36.61 37.90 23.96
N GLY D 60 37.30 36.75 24.01
CA GLY D 60 38.56 36.63 24.74
C GLY D 60 38.35 36.21 26.18
N GLU D 61 37.09 36.27 26.67
CA GLU D 61 36.75 35.78 27.99
C GLU D 61 36.71 34.24 28.00
N ASN D 62 37.77 33.64 28.57
CA ASN D 62 37.73 32.27 29.04
C ASN D 62 36.38 31.90 29.62
N CYS D 63 35.85 30.75 29.19
CA CYS D 63 34.50 30.27 29.51
C CYS D 63 34.53 29.32 30.70
N ALA D 64 35.76 28.98 31.11
CA ALA D 64 36.02 27.93 32.05
C ALA D 64 35.35 28.20 33.39
N GLY D 65 34.40 27.34 33.76
CA GLY D 65 33.93 27.26 35.11
C GLY D 65 32.60 27.96 35.24
N TRP D 66 32.13 28.58 34.16
CA TRP D 66 30.84 29.25 34.20
C TRP D 66 29.77 28.20 34.38
N SER D 67 28.75 28.56 35.13
CA SER D 67 27.52 27.82 35.04
C SER D 67 26.92 28.12 33.67
N SER D 68 25.76 27.51 33.44
CA SER D 68 24.99 27.61 32.21
C SER D 68 24.21 28.92 32.17
N ASP D 69 23.60 29.28 33.31
CA ASP D 69 22.93 30.55 33.53
C ASP D 69 23.81 31.74 33.18
N LYS D 70 25.02 31.73 33.75
CA LYS D 70 25.98 32.77 33.47
C LYS D 70 26.24 32.79 31.98
N ALA D 71 26.73 31.65 31.45
CA ALA D 71 26.98 31.43 30.03
C ALA D 71 25.93 32.11 29.17
N HIS D 72 24.65 31.78 29.40
CA HIS D 72 23.55 32.44 28.74
C HIS D 72 23.77 33.94 28.89
N LYS D 73 23.42 34.44 30.08
CA LYS D 73 23.41 35.87 30.38
C LYS D 73 24.65 36.54 29.77
N VAL D 74 25.84 35.93 29.86
CA VAL D 74 27.03 36.55 29.28
C VAL D 74 26.92 36.63 27.76
N LEU D 75 25.97 35.91 27.13
CA LEU D 75 25.84 35.98 25.68
C LEU D 75 24.83 37.05 25.33
N LYS D 76 23.65 36.94 25.92
CA LYS D 76 22.62 37.95 25.76
C LYS D 76 23.24 39.36 25.80
N GLN D 77 23.92 39.71 26.89
CA GLN D 77 24.33 41.09 27.08
C GLN D 77 25.63 41.39 26.32
N ALA D 78 25.73 40.99 25.06
CA ALA D 78 26.87 41.39 24.25
C ALA D 78 26.33 42.25 23.12
N PHE D 79 27.22 43.07 22.54
CA PHE D 79 26.93 43.87 21.35
C PHE D 79 26.91 42.97 20.12
N GLY D 80 25.98 43.26 19.19
CA GLY D 80 25.59 42.33 18.14
C GLY D 80 26.71 42.09 17.12
N GLU D 81 27.43 43.18 16.82
CA GLU D 81 28.40 43.28 15.74
C GLU D 81 29.17 41.97 15.57
N LYS D 82 30.35 41.85 16.20
CA LYS D 82 31.23 40.69 16.07
C LYS D 82 31.29 39.96 17.41
N ILE D 83 30.97 38.66 17.43
CA ILE D 83 31.25 37.82 18.60
C ILE D 83 32.41 36.89 18.25
N THR D 84 33.47 36.90 19.05
CA THR D 84 34.57 35.97 18.87
C THR D 84 34.36 34.78 19.82
N MET D 85 34.09 33.61 19.21
CA MET D 85 34.05 32.34 19.92
C MET D 85 35.17 31.48 19.37
N THR D 86 36.20 31.26 20.21
CA THR D 86 37.11 30.15 20.03
C THR D 86 36.31 28.88 20.35
N ILE D 87 36.15 27.99 19.35
CA ILE D 87 35.28 26.82 19.48
C ILE D 87 36.08 25.55 19.22
N ARG D 88 35.90 24.55 20.10
CA ARG D 88 36.65 23.30 20.00
C ARG D 88 35.68 22.24 19.50
N ASP D 89 36.18 21.43 18.55
CA ASP D 89 35.32 20.56 17.75
C ASP D 89 34.96 19.29 18.52
N ARG D 90 33.65 19.11 18.68
CA ARG D 90 32.98 17.93 19.21
C ARG D 90 33.98 17.07 19.97
N PRO D 91 34.38 17.57 21.16
CA PRO D 91 35.38 16.88 21.96
C PRO D 91 34.87 15.58 22.60
N PHE D 92 33.58 15.42 22.87
CA PHE D 92 33.12 14.15 23.45
C PHE D 92 32.64 13.11 22.44
N GLU D 93 32.81 13.36 21.13
CA GLU D 93 32.26 12.51 20.09
C GLU D 93 33.38 11.86 19.26
N ARG D 94 33.05 10.74 18.60
CA ARG D 94 33.90 10.16 17.57
C ARG D 94 33.11 9.79 16.31
N THR D 95 33.81 9.60 15.19
CA THR D 95 33.12 9.21 13.96
C THR D 95 33.67 7.89 13.46
N ILE D 96 32.79 6.95 13.12
CA ILE D 96 33.27 5.66 12.66
C ILE D 96 32.78 5.46 11.22
N THR D 97 33.71 5.20 10.29
CA THR D 97 33.45 5.00 8.87
C THR D 97 33.16 3.52 8.59
N MET D 98 31.94 3.26 8.11
CA MET D 98 31.49 1.93 7.77
C MET D 98 31.28 1.79 6.25
N HIS D 99 31.00 0.55 5.83
CA HIS D 99 30.54 0.20 4.49
C HIS D 99 29.43 -0.86 4.62
N LYS D 100 28.29 -0.48 4.10
CA LYS D 100 27.08 -1.27 4.05
C LYS D 100 27.40 -2.63 3.39
N ASP D 101 26.80 -3.71 3.85
CA ASP D 101 27.10 -5.01 3.26
C ASP D 101 26.25 -5.17 2.00
N SER D 102 26.00 -6.43 1.60
CA SER D 102 25.26 -6.74 0.39
C SER D 102 23.75 -6.55 0.63
N THR D 103 23.31 -6.69 1.90
CA THR D 103 21.93 -6.48 2.33
C THR D 103 21.69 -5.07 2.87
N GLY D 104 22.29 -4.05 2.25
CA GLY D 104 22.14 -2.65 2.66
C GLY D 104 22.76 -2.25 4.01
N HIS D 105 22.99 -3.28 4.87
CA HIS D 105 23.23 -3.16 6.31
C HIS D 105 24.70 -2.91 6.66
N VAL D 106 24.90 -2.48 7.92
CA VAL D 106 26.19 -2.18 8.51
C VAL D 106 26.31 -2.91 9.85
N GLY D 107 25.17 -3.22 10.45
CA GLY D 107 25.06 -4.31 11.41
C GLY D 107 25.22 -3.86 12.85
N PHE D 108 24.11 -3.39 13.45
CA PHE D 108 24.06 -3.04 14.86
C PHE D 108 22.64 -2.71 15.27
N ILE D 109 22.25 -3.06 16.51
CA ILE D 109 20.91 -2.81 17.04
C ILE D 109 20.91 -1.68 18.06
N PHE D 110 20.09 -0.66 17.80
CA PHE D 110 20.07 0.59 18.55
C PHE D 110 18.66 0.92 18.99
N LYS D 111 18.56 1.41 20.24
CA LYS D 111 17.32 1.78 20.93
C LYS D 111 17.45 3.18 21.53
N ASN D 112 16.47 4.04 21.22
CA ASN D 112 16.39 5.43 21.67
C ASN D 112 17.63 6.23 21.29
N GLY D 113 18.23 5.93 20.14
CA GLY D 113 19.49 6.56 19.76
C GLY D 113 20.76 6.00 20.42
N LYS D 114 20.60 5.01 21.34
CA LYS D 114 21.72 4.38 22.01
C LYS D 114 21.98 2.97 21.50
N ILE D 115 23.17 2.75 20.93
CA ILE D 115 23.60 1.47 20.37
C ILE D 115 23.67 0.41 21.47
N THR D 116 23.05 -0.75 21.25
CA THR D 116 22.84 -1.74 22.30
C THR D 116 23.46 -3.11 22.01
N SER D 117 23.83 -3.40 20.75
CA SER D 117 24.41 -4.70 20.46
C SER D 117 25.02 -4.61 19.07
N ILE D 118 26.16 -5.28 18.88
CA ILE D 118 26.86 -5.25 17.60
C ILE D 118 26.71 -6.60 16.94
N VAL D 119 26.62 -6.56 15.61
CA VAL D 119 26.27 -7.71 14.80
C VAL D 119 27.55 -8.33 14.27
N LYS D 120 27.70 -9.63 14.60
CA LYS D 120 28.84 -10.46 14.23
C LYS D 120 29.20 -10.27 12.77
N ASP D 121 30.52 -10.21 12.52
CA ASP D 121 31.12 -10.02 11.20
C ASP D 121 30.45 -8.88 10.41
N SER D 122 29.87 -7.91 11.11
CA SER D 122 29.36 -6.70 10.45
C SER D 122 30.47 -5.70 10.20
N SER D 123 30.10 -4.63 9.50
CA SER D 123 31.01 -3.51 9.31
C SER D 123 31.14 -2.74 10.62
N ALA D 124 30.07 -2.70 11.41
CA ALA D 124 30.13 -2.22 12.79
C ALA D 124 31.21 -2.93 13.63
N ALA D 125 31.19 -4.28 13.61
CA ALA D 125 32.19 -5.11 14.26
C ALA D 125 33.58 -4.78 13.72
N ARG D 126 33.75 -4.88 12.41
CA ARG D 126 35.03 -4.68 11.76
C ARG D 126 35.65 -3.34 12.15
N ASN D 127 34.88 -2.26 12.11
CA ASN D 127 35.42 -0.93 12.35
C ASN D 127 35.27 -0.52 13.82
N GLY D 128 34.65 -1.39 14.65
CA GLY D 128 34.86 -1.37 16.08
C GLY D 128 33.92 -0.44 16.83
N LEU D 129 32.70 -0.34 16.33
CA LEU D 129 31.65 0.43 16.98
C LEU D 129 31.35 -0.20 18.34
N LEU D 130 30.95 0.66 19.27
CA LEU D 130 30.80 0.30 20.66
C LEU D 130 29.35 0.45 21.07
N THR D 131 28.95 -0.34 22.08
CA THR D 131 27.65 -0.14 22.69
C THR D 131 27.77 0.91 23.79
N GLU D 132 26.62 1.20 24.37
CA GLU D 132 26.49 2.18 25.42
C GLU D 132 26.94 3.56 24.96
N HIS D 133 26.89 3.81 23.65
CA HIS D 133 27.15 5.11 23.02
C HIS D 133 25.88 5.62 22.33
N ASN D 134 25.55 6.92 22.46
CA ASN D 134 24.43 7.54 21.73
C ASN D 134 24.91 8.10 20.41
N ILE D 135 24.00 8.07 19.42
CA ILE D 135 24.24 8.48 18.03
C ILE D 135 24.03 9.98 17.89
N CYS D 136 25.01 10.71 17.33
CA CYS D 136 24.97 12.17 17.24
C CYS D 136 24.93 12.72 15.79
N GLU D 137 25.71 12.15 14.86
CA GLU D 137 25.78 12.65 13.48
C GLU D 137 25.81 11.43 12.55
N ILE D 138 25.62 11.70 11.23
CA ILE D 138 25.49 10.74 10.14
C ILE D 138 26.06 11.39 8.90
N ASN D 139 27.26 10.96 8.50
CA ASN D 139 28.04 11.62 7.45
C ASN D 139 28.16 13.13 7.70
N GLY D 140 28.40 13.55 8.97
CA GLY D 140 28.36 14.95 9.36
C GLY D 140 26.96 15.48 9.74
N GLN D 141 25.85 14.77 9.39
CA GLN D 141 24.52 15.32 9.65
C GLN D 141 24.00 14.90 11.01
N ASN D 142 23.58 15.91 11.81
CA ASN D 142 23.05 15.79 13.17
C ASN D 142 21.64 15.22 13.15
N VAL D 143 21.30 14.43 14.16
CA VAL D 143 20.13 13.55 14.18
C VAL D 143 19.63 13.32 15.60
N ILE D 144 20.09 14.15 16.54
CA ILE D 144 19.70 13.99 17.93
C ILE D 144 18.32 14.59 18.04
N GLY D 145 17.36 13.76 18.46
CA GLY D 145 16.01 14.23 18.72
C GLY D 145 14.97 13.43 17.94
N LEU D 146 15.32 13.10 16.68
CA LEU D 146 14.50 12.30 15.76
C LEU D 146 14.23 10.95 16.42
N LYS D 147 13.23 10.19 15.94
CA LYS D 147 12.98 8.84 16.45
C LYS D 147 13.83 7.82 15.71
N ASP D 148 13.84 6.58 16.21
CA ASP D 148 14.66 5.51 15.65
C ASP D 148 14.45 5.42 14.14
N SER D 149 13.15 5.37 13.82
CA SER D 149 12.65 5.32 12.46
C SER D 149 13.42 6.31 11.57
N GLN D 150 13.53 7.56 12.04
CA GLN D 150 14.10 8.59 11.21
C GLN D 150 15.58 8.29 11.01
N ILE D 151 16.15 7.68 12.06
CA ILE D 151 17.56 7.36 12.06
C ILE D 151 17.77 6.20 11.08
N ALA D 152 17.01 5.09 11.23
CA ALA D 152 17.07 4.04 10.20
C ALA D 152 17.35 4.67 8.82
N ASP D 153 16.53 5.70 8.50
CA ASP D 153 16.32 6.12 7.13
C ASP D 153 17.46 7.01 6.65
N ILE D 154 18.05 7.78 7.56
CA ILE D 154 19.22 8.58 7.19
C ILE D 154 20.39 7.63 6.84
N LEU D 155 20.44 6.43 7.47
CA LEU D 155 21.44 5.40 7.18
C LEU D 155 21.23 4.88 5.75
N SER D 156 19.96 4.64 5.41
CA SER D 156 19.62 4.07 4.13
C SER D 156 20.05 5.08 3.05
N THR D 157 19.75 6.36 3.24
CA THR D 157 20.13 7.38 2.25
C THR D 157 21.64 7.62 2.14
N SER D 158 22.45 6.99 2.98
CA SER D 158 23.89 7.15 2.88
C SER D 158 24.37 6.59 1.53
N GLY D 159 25.45 7.15 1.02
CA GLY D 159 26.35 6.40 0.16
C GLY D 159 26.70 5.03 0.76
N THR D 160 27.27 4.15 -0.05
CA THR D 160 27.72 2.87 0.49
C THR D 160 28.64 3.16 1.70
N VAL D 161 29.34 4.31 1.65
CA VAL D 161 30.20 4.79 2.72
C VAL D 161 29.32 5.52 3.74
N VAL D 162 29.14 4.90 4.94
CA VAL D 162 28.45 5.50 6.10
C VAL D 162 29.42 5.86 7.24
N THR D 163 29.50 7.16 7.57
CA THR D 163 30.14 7.63 8.78
C THR D 163 29.06 7.84 9.85
N ILE D 164 29.32 7.35 11.08
CA ILE D 164 28.46 7.67 12.20
C ILE D 164 29.29 8.39 13.25
N THR D 165 28.61 9.28 13.98
CA THR D 165 29.23 10.13 14.99
C THR D 165 28.64 9.78 16.35
N ILE D 166 29.52 9.35 17.27
CA ILE D 166 29.00 8.81 18.53
C ILE D 166 29.61 9.51 19.74
N MET D 167 28.88 9.32 20.85
CA MET D 167 29.12 9.93 22.14
C MET D 167 28.82 8.85 23.19
N PRO D 168 29.71 8.59 24.17
CA PRO D 168 29.40 7.79 25.36
C PRO D 168 28.11 8.14 26.08
N ALA D 169 27.31 7.12 26.38
CA ALA D 169 25.97 7.29 26.92
C ALA D 169 25.94 8.26 28.09
N PHE D 170 26.74 7.99 29.13
N PHE D 170 26.76 8.00 29.12
CA PHE D 170 26.75 8.76 30.37
CA PHE D 170 26.70 8.79 30.35
C PHE D 170 27.05 10.25 30.12
C PHE D 170 27.06 10.25 30.11
N ILE D 171 27.85 10.58 29.09
CA ILE D 171 28.23 11.95 28.80
C ILE D 171 27.11 12.65 28.03
N PHE D 172 26.61 12.01 26.99
CA PHE D 172 25.43 12.46 26.28
C PHE D 172 24.29 12.76 27.26
N GLU D 173 23.98 11.81 28.12
CA GLU D 173 22.97 12.00 29.13
C GLU D 173 23.27 13.19 30.01
N HIS D 174 24.55 13.48 30.25
CA HIS D 174 24.85 14.61 31.08
C HIS D 174 24.46 15.85 30.29
N ILE D 175 24.91 15.89 29.00
CA ILE D 175 24.87 17.06 28.13
C ILE D 175 23.45 17.44 27.79
N ILE D 176 22.53 16.48 27.74
CA ILE D 176 21.15 16.79 27.39
C ILE D 176 20.33 17.17 28.63
N LYS D 177 20.88 17.11 29.85
CA LYS D 177 20.06 17.43 31.02
C LYS D 177 19.73 18.92 31.03
N ARG D 178 18.65 19.30 31.76
CA ARG D 178 18.19 20.68 31.80
C ARG D 178 17.90 21.14 30.37
N MET D 179 17.02 20.40 29.66
CA MET D 179 16.63 20.78 28.30
C MET D 179 15.47 19.89 27.90
N ALA D 180 14.29 20.54 27.80
CA ALA D 180 13.00 19.91 27.56
C ALA D 180 13.01 19.13 26.25
N PRO D 181 12.52 17.88 26.28
CA PRO D 181 12.42 17.07 25.06
C PRO D 181 11.97 17.80 23.79
N SER D 182 11.02 18.71 24.00
CA SER D 182 10.29 19.40 22.94
C SER D 182 11.18 20.40 22.21
N ILE D 183 12.16 20.95 22.94
CA ILE D 183 12.97 22.01 22.35
C ILE D 183 13.98 21.36 21.41
N MET D 184 14.52 20.23 21.92
CA MET D 184 15.54 19.42 21.25
C MET D 184 14.93 18.89 19.95
N LYS D 185 13.73 18.29 20.08
CA LYS D 185 12.89 17.86 18.97
C LYS D 185 12.41 19.02 18.08
N SER D 186 12.31 20.26 18.60
CA SER D 186 11.83 21.36 17.76
C SER D 186 12.95 22.18 17.09
N LEU D 187 14.03 22.58 17.79
CA LEU D 187 14.88 23.63 17.23
C LEU D 187 16.14 23.09 16.53
N MET D 188 16.44 21.78 16.69
CA MET D 188 17.77 21.25 16.42
C MET D 188 18.02 21.12 14.91
N ASP D 189 19.10 21.77 14.45
CA ASP D 189 19.64 21.78 13.09
C ASP D 189 20.01 20.38 12.57
N HIS D 190 19.42 20.06 11.39
CA HIS D 190 19.55 18.76 10.73
C HIS D 190 20.01 18.96 9.29
N THR D 191 20.59 20.13 8.97
CA THR D 191 20.80 20.55 7.58
C THR D 191 22.08 19.93 6.99
N ILE D 192 22.03 19.57 5.70
CA ILE D 192 23.21 19.07 5.01
C ILE D 192 23.62 20.08 3.94
N PRO D 193 24.92 20.09 3.54
CA PRO D 193 25.41 21.11 2.64
C PRO D 193 24.69 21.03 1.29
N GLU D 194 24.29 19.81 0.88
CA GLU D 194 23.55 19.57 -0.35
C GLU D 194 23.04 18.12 -0.29
N VAL D 195 22.20 17.76 -1.28
CA VAL D 195 21.84 16.39 -1.56
C VAL D 195 22.40 15.94 -2.94
#